data_7EX6
#
_entry.id   7EX6
#
_cell.length_a   70.852
_cell.length_b   41.667
_cell.length_c   145.276
_cell.angle_alpha   90.000
_cell.angle_beta   101.950
_cell.angle_gamma   90.000
#
_symmetry.space_group_name_H-M   'P 1 21 1'
#
loop_
_entity.id
_entity.type
_entity.pdbx_description
1 polymer Replicase
2 non-polymer 'MANGANESE (II) ION'
3 non-polymer 'methyl (Z)-4-(4-(4-chlorobenzyl)-1-(2-methylbenzyl)piperidin-4-yl)-2-hydroxy-4-oxobut-2-enoate'
4 water water
#
_entity_poly.entity_id   1
_entity_poly.type   'polypeptide(L)'
_entity_poly.pdbx_seq_one_letter_code
;MGSSHHHHHHSSGLVPRGSHMASMTGGQQMGRGSEFMEDPMYEQFLQRIQAVRTATVAKDISADILEARHDYFGRELCRA
LDIEYRNNVLLDEIILDVYPGVNLMEYNVPHVTPDNYIWTGDMLLILDYKVSVGHDSTEVTYKKYTTLILPVMQEIGINT
EICIIRANPVTNQISIVGEQFKRLFPTIPVELNFARFFELRKMLLDKFADDEEFLMMIA
;
_entity_poly.pdbx_strand_id   A,B,C,D
#
# COMPACT_ATOMS: atom_id res chain seq x y z
N ASP A 39 -9.03 -22.86 -11.86
CA ASP A 39 -8.26 -22.28 -12.96
C ASP A 39 -6.89 -21.83 -12.44
N PRO A 40 -5.84 -22.09 -13.22
CA PRO A 40 -4.50 -21.69 -12.77
C PRO A 40 -4.36 -20.21 -12.57
N MET A 41 -5.10 -19.41 -13.34
CA MET A 41 -4.97 -17.97 -13.23
C MET A 41 -5.42 -17.48 -11.87
N TYR A 42 -6.54 -17.99 -11.36
CA TYR A 42 -7.00 -17.59 -10.04
C TYR A 42 -6.02 -18.01 -8.96
N GLU A 43 -5.50 -19.24 -9.05
CA GLU A 43 -4.57 -19.72 -8.04
C GLU A 43 -3.29 -18.91 -8.07
N GLN A 44 -2.93 -18.38 -9.25
CA GLN A 44 -1.73 -17.56 -9.36
C GLN A 44 -1.90 -16.23 -8.67
N PHE A 45 -3.04 -15.54 -8.87
CA PHE A 45 -3.27 -14.30 -8.16
C PHE A 45 -3.34 -14.53 -6.66
N LEU A 46 -4.06 -15.59 -6.24
CA LEU A 46 -4.15 -15.90 -4.82
C LEU A 46 -2.75 -16.05 -4.21
N GLN A 47 -1.86 -16.76 -4.90
CA GLN A 47 -0.50 -16.92 -4.39
C GLN A 47 0.18 -15.56 -4.21
N ARG A 48 0.05 -14.68 -5.20
CA ARG A 48 0.74 -13.40 -5.11
C ARG A 48 0.15 -12.54 -4.01
N ILE A 49 -1.17 -12.55 -3.87
CA ILE A 49 -1.81 -11.84 -2.78
C ILE A 49 -1.35 -12.40 -1.44
N GLN A 50 -1.35 -13.73 -1.28
CA GLN A 50 -0.81 -14.34 -0.06
C GLN A 50 0.59 -13.85 0.26
N ALA A 51 1.43 -13.67 -0.75
CA ALA A 51 2.82 -13.36 -0.47
C ALA A 51 3.13 -11.88 -0.38
N VAL A 52 2.29 -11.01 -0.95
CA VAL A 52 2.69 -9.63 -1.18
C VAL A 52 2.91 -8.92 0.16
N ARG A 53 3.93 -8.06 0.20
CA ARG A 53 4.32 -7.33 1.40
C ARG A 53 4.42 -5.82 1.20
N THR A 54 4.82 -5.39 0.00
CA THR A 54 5.17 -4.01 -0.28
C THR A 54 4.08 -3.32 -1.09
N ALA A 55 4.03 -1.99 -0.96
CA ALA A 55 3.07 -1.18 -1.72
C ALA A 55 3.22 -1.35 -3.23
N THR A 56 4.44 -1.25 -3.74
CA THR A 56 4.62 -1.26 -5.19
C THR A 56 4.23 -2.60 -5.81
N VAL A 57 4.49 -3.71 -5.10
CA VAL A 57 4.11 -5.01 -5.63
C VAL A 57 2.60 -5.19 -5.53
N ALA A 58 1.99 -4.65 -4.48
CA ALA A 58 0.53 -4.70 -4.36
C ALA A 58 -0.14 -3.96 -5.51
N LYS A 59 0.36 -2.77 -5.86
CA LYS A 59 -0.25 -2.00 -6.94
C LYS A 59 -0.22 -2.77 -8.25
N ASP A 60 0.87 -3.50 -8.51
CA ASP A 60 0.96 -4.22 -9.77
C ASP A 60 0.03 -5.44 -9.80
N ILE A 61 -0.23 -6.07 -8.66
CA ILE A 61 -1.22 -7.14 -8.62
C ILE A 61 -2.59 -6.58 -8.97
N SER A 62 -2.90 -5.38 -8.48
CA SER A 62 -4.20 -4.77 -8.74
C SER A 62 -4.40 -4.51 -10.24
N ALA A 63 -3.41 -3.88 -10.89
CA ALA A 63 -3.54 -3.64 -12.33
C ALA A 63 -3.63 -4.96 -13.09
N ASP A 64 -2.85 -5.97 -12.68
CA ASP A 64 -2.87 -7.26 -13.37
C ASP A 64 -4.25 -7.93 -13.29
N ILE A 65 -4.88 -7.89 -12.12
CA ILE A 65 -6.23 -8.45 -11.99
C ILE A 65 -7.20 -7.78 -12.95
N LEU A 66 -7.15 -6.45 -13.00
CA LEU A 66 -8.04 -5.74 -13.92
C LEU A 66 -7.74 -6.10 -15.36
N GLU A 67 -6.46 -6.26 -15.70
CA GLU A 67 -6.11 -6.67 -17.05
C GLU A 67 -6.57 -8.09 -17.34
N ALA A 68 -6.50 -8.99 -16.35
CA ALA A 68 -6.92 -10.36 -16.61
C ALA A 68 -8.44 -10.45 -16.73
N ARG A 69 -9.15 -9.66 -15.94
CA ARG A 69 -10.60 -9.57 -16.12
C ARG A 69 -10.94 -9.19 -17.56
N HIS A 70 -10.21 -8.24 -18.13
CA HIS A 70 -10.45 -7.83 -19.50
C HIS A 70 -10.13 -8.96 -20.47
N ASP A 71 -9.02 -9.68 -20.24
CA ASP A 71 -8.64 -10.72 -21.19
C ASP A 71 -9.53 -11.93 -21.06
N TYR A 72 -10.03 -12.18 -19.84
CA TYR A 72 -11.02 -13.24 -19.66
C TYR A 72 -12.27 -12.94 -20.46
N PHE A 73 -12.75 -11.70 -20.42
CA PHE A 73 -13.93 -11.35 -21.21
C PHE A 73 -13.66 -11.53 -22.68
N GLY A 74 -12.46 -11.15 -23.14
CA GLY A 74 -12.14 -11.25 -24.55
C GLY A 74 -12.19 -12.69 -25.04
N ARG A 75 -11.63 -13.60 -24.24
CA ARG A 75 -11.71 -15.02 -24.58
C ARG A 75 -13.15 -15.49 -24.69
N GLU A 76 -13.94 -15.25 -23.63
CA GLU A 76 -15.33 -15.69 -23.64
C GLU A 76 -16.10 -15.06 -24.79
N LEU A 77 -15.85 -13.77 -25.07
CA LEU A 77 -16.55 -13.12 -26.17
C LEU A 77 -16.27 -13.82 -27.50
N CYS A 78 -15.00 -14.05 -27.82
CA CYS A 78 -14.68 -14.69 -29.09
C CYS A 78 -15.16 -16.13 -29.12
N ARG A 79 -15.19 -16.80 -27.96
CA ARG A 79 -15.73 -18.15 -27.89
C ARG A 79 -17.22 -18.16 -28.21
N ALA A 80 -17.97 -17.21 -27.64
CA ALA A 80 -19.41 -17.14 -27.92
C ALA A 80 -19.71 -16.79 -29.37
N LEU A 81 -18.79 -16.10 -30.05
CA LEU A 81 -19.03 -15.62 -31.40
C LEU A 81 -18.46 -16.55 -32.47
N ASP A 82 -17.63 -17.53 -32.08
CA ASP A 82 -16.88 -18.36 -33.03
C ASP A 82 -16.00 -17.50 -33.95
N ILE A 83 -15.22 -16.62 -33.32
CA ILE A 83 -14.14 -15.92 -34.01
C ILE A 83 -12.84 -16.24 -33.31
N GLU A 84 -11.74 -16.19 -34.06
CA GLU A 84 -10.43 -16.46 -33.47
C GLU A 84 -10.12 -15.44 -32.38
N TYR A 85 -9.52 -15.91 -31.29
CA TYR A 85 -9.18 -15.03 -30.19
C TYR A 85 -7.82 -14.37 -30.44
N ARG A 86 -7.76 -13.05 -30.23
CA ARG A 86 -6.53 -12.29 -30.29
C ARG A 86 -6.61 -11.26 -29.18
N ASN A 87 -5.46 -10.69 -28.80
CA ASN A 87 -5.46 -9.66 -27.77
C ASN A 87 -4.25 -8.76 -28.03
N ASN A 88 -4.46 -7.76 -28.91
CA ASN A 88 -3.50 -6.73 -29.30
C ASN A 88 -2.73 -7.17 -30.54
N VAL A 89 -3.19 -6.69 -31.69
CA VAL A 89 -2.58 -6.96 -32.98
C VAL A 89 -2.20 -5.62 -33.57
N LEU A 90 -0.92 -5.49 -33.95
CA LEU A 90 -0.48 -4.28 -34.64
C LEU A 90 -1.29 -4.06 -35.93
N LEU A 91 -1.70 -2.81 -36.13
CA LEU A 91 -2.41 -2.45 -37.36
C LEU A 91 -1.65 -2.91 -38.62
N ASP A 92 -0.33 -2.77 -38.62
CA ASP A 92 0.47 -3.27 -39.74
C ASP A 92 0.12 -4.72 -40.08
N GLU A 93 0.03 -5.58 -39.07
CA GLU A 93 -0.22 -7.00 -39.31
C GLU A 93 -1.68 -7.25 -39.70
N ILE A 94 -2.61 -6.48 -39.16
CA ILE A 94 -3.98 -6.52 -39.69
C ILE A 94 -3.98 -6.24 -41.19
N ILE A 95 -3.36 -5.13 -41.59
CA ILE A 95 -3.37 -4.73 -43.01
C ILE A 95 -2.77 -5.83 -43.88
N LEU A 96 -1.59 -6.35 -43.50
CA LEU A 96 -0.97 -7.41 -44.29
C LEU A 96 -1.80 -8.69 -44.27
N ASP A 97 -2.59 -8.93 -43.22
CA ASP A 97 -3.38 -10.16 -43.22
C ASP A 97 -4.53 -10.09 -44.22
N VAL A 98 -5.28 -8.99 -44.24
CA VAL A 98 -6.43 -8.92 -45.13
C VAL A 98 -6.03 -8.49 -46.53
N TYR A 99 -4.90 -7.83 -46.68
CA TYR A 99 -4.51 -7.20 -47.94
C TYR A 99 -3.01 -7.41 -48.18
N PRO A 100 -2.57 -8.66 -48.36
CA PRO A 100 -1.12 -8.90 -48.42
C PRO A 100 -0.42 -8.27 -49.62
N GLY A 101 -1.14 -7.96 -50.69
CA GLY A 101 -0.54 -7.30 -51.83
C GLY A 101 -0.48 -5.79 -51.77
N VAL A 102 -0.81 -5.19 -50.62
CA VAL A 102 -0.72 -3.74 -50.48
C VAL A 102 0.73 -3.30 -50.66
N ASN A 103 0.94 -2.15 -51.31
CA ASN A 103 2.28 -1.54 -51.28
C ASN A 103 2.45 -0.79 -49.96
N LEU A 104 2.74 -1.56 -48.90
CA LEU A 104 2.69 -1.02 -47.55
C LEU A 104 3.65 0.15 -47.36
N MET A 105 4.82 0.11 -47.99
CA MET A 105 5.79 1.18 -47.77
C MET A 105 5.29 2.57 -48.19
N GLU A 106 4.17 2.67 -48.92
CA GLU A 106 3.69 3.99 -49.33
C GLU A 106 2.82 4.66 -48.28
N TYR A 107 2.52 3.99 -47.18
CA TYR A 107 1.57 4.53 -46.21
C TYR A 107 2.22 4.67 -44.85
N ASN A 108 1.81 5.71 -44.13
CA ASN A 108 2.20 5.90 -42.74
C ASN A 108 1.13 5.21 -41.88
N VAL A 109 1.48 4.03 -41.37
CA VAL A 109 0.53 3.24 -40.56
C VAL A 109 0.80 3.59 -39.10
N PRO A 110 -0.18 4.21 -38.41
CA PRO A 110 0.04 4.55 -37.00
C PRO A 110 0.31 3.31 -36.16
N HIS A 111 1.12 3.50 -35.12
CA HIS A 111 1.46 2.44 -34.18
C HIS A 111 0.32 2.31 -33.17
N VAL A 112 -0.52 1.30 -33.34
CA VAL A 112 -1.72 1.11 -32.52
C VAL A 112 -2.07 -0.38 -32.55
N THR A 113 -2.59 -0.88 -31.43
CA THR A 113 -2.80 -2.31 -31.23
C THR A 113 -4.21 -2.61 -30.71
N PRO A 114 -5.22 -2.54 -31.56
CA PRO A 114 -6.55 -3.05 -31.16
C PRO A 114 -6.47 -4.51 -30.77
N ASP A 115 -7.46 -4.93 -29.96
CA ASP A 115 -7.44 -6.28 -29.39
C ASP A 115 -7.52 -7.34 -30.48
N ASN A 116 -8.44 -7.15 -31.43
CA ASN A 116 -8.79 -8.17 -32.39
C ASN A 116 -9.36 -7.50 -33.64
N TYR A 117 -9.73 -8.30 -34.63
CA TYR A 117 -10.40 -7.82 -35.83
C TYR A 117 -11.15 -8.97 -36.47
N ILE A 118 -12.12 -8.62 -37.29
CA ILE A 118 -12.85 -9.57 -38.11
C ILE A 118 -12.81 -9.06 -39.55
N TRP A 119 -12.48 -9.93 -40.49
CA TRP A 119 -12.52 -9.59 -41.91
C TRP A 119 -13.61 -10.43 -42.57
N THR A 120 -14.68 -9.77 -43.01
CA THR A 120 -15.79 -10.44 -43.64
C THR A 120 -15.61 -10.61 -45.15
N GLY A 121 -14.38 -10.46 -45.66
CA GLY A 121 -14.16 -10.46 -47.09
C GLY A 121 -14.61 -9.21 -47.81
N ASP A 122 -15.44 -8.39 -47.17
CA ASP A 122 -15.80 -7.10 -47.74
C ASP A 122 -15.41 -5.98 -46.79
N MET A 123 -15.52 -6.21 -45.48
CA MET A 123 -15.37 -5.16 -44.49
C MET A 123 -14.37 -5.59 -43.42
N LEU A 124 -13.60 -4.63 -42.92
CA LEU A 124 -12.70 -4.85 -41.80
C LEU A 124 -13.29 -4.25 -40.54
N LEU A 125 -13.61 -5.11 -39.57
CA LEU A 125 -14.12 -4.66 -38.29
C LEU A 125 -13.00 -4.69 -37.27
N ILE A 126 -12.64 -3.53 -36.73
CA ILE A 126 -11.69 -3.44 -35.64
C ILE A 126 -12.46 -3.60 -34.33
N LEU A 127 -12.00 -4.54 -33.48
CA LEU A 127 -12.66 -4.86 -32.22
C LEU A 127 -11.77 -4.46 -31.07
N ASP A 128 -12.34 -3.82 -30.07
CA ASP A 128 -11.63 -3.74 -28.80
C ASP A 128 -12.60 -4.15 -27.71
N TYR A 129 -12.10 -4.99 -26.79
CA TYR A 129 -12.89 -5.41 -25.63
C TYR A 129 -12.76 -4.39 -24.52
N LYS A 130 -13.81 -4.31 -23.69
CA LYS A 130 -13.82 -3.44 -22.53
C LYS A 130 -14.56 -4.14 -21.41
N VAL A 131 -14.18 -3.86 -20.17
CA VAL A 131 -14.89 -4.37 -19.00
C VAL A 131 -15.00 -3.23 -18.01
N SER A 132 -16.22 -2.74 -17.79
CA SER A 132 -16.39 -1.46 -17.11
C SER A 132 -17.85 -1.24 -16.74
N VAL A 133 -18.09 -0.59 -15.58
CA VAL A 133 -19.45 -0.18 -15.24
C VAL A 133 -19.88 1.06 -16.02
N GLY A 134 -18.94 1.87 -16.51
CA GLY A 134 -19.26 3.10 -17.20
C GLY A 134 -18.84 3.06 -18.66
N HIS A 135 -19.26 4.09 -19.40
CA HIS A 135 -19.03 4.20 -20.84
C HIS A 135 -17.84 5.07 -21.20
N ASP A 136 -17.22 5.74 -20.23
CA ASP A 136 -16.21 6.76 -20.55
C ASP A 136 -14.99 6.15 -21.25
N SER A 137 -14.49 5.02 -20.73
CA SER A 137 -13.31 4.42 -21.36
C SER A 137 -13.61 3.99 -22.79
N THR A 138 -14.83 3.46 -23.02
CA THR A 138 -15.29 3.12 -24.36
C THR A 138 -15.18 4.32 -25.30
N GLU A 139 -15.71 5.48 -24.88
CA GLU A 139 -15.70 6.64 -25.76
C GLU A 139 -14.28 7.11 -26.08
N VAL A 140 -13.36 6.97 -25.13
CA VAL A 140 -12.00 7.43 -25.38
C VAL A 140 -11.33 6.56 -26.44
N THR A 141 -11.45 5.23 -26.31
CA THR A 141 -10.88 4.31 -27.28
C THR A 141 -11.54 4.47 -28.65
N TYR A 142 -12.87 4.61 -28.67
CA TYR A 142 -13.60 4.83 -29.92
C TYR A 142 -13.04 6.00 -30.71
N LYS A 143 -12.89 7.17 -30.06
CA LYS A 143 -12.37 8.35 -30.74
C LYS A 143 -10.92 8.18 -31.14
N LYS A 144 -10.11 7.54 -30.30
CA LYS A 144 -8.70 7.33 -30.62
C LYS A 144 -8.54 6.46 -31.88
N TYR A 145 -9.21 5.30 -31.90
CA TYR A 145 -9.15 4.44 -33.08
C TYR A 145 -9.78 5.11 -34.32
N THR A 146 -10.92 5.77 -34.16
CA THR A 146 -11.51 6.52 -35.27
C THR A 146 -10.50 7.49 -35.86
N THR A 147 -9.78 8.20 -34.98
CA THR A 147 -8.75 9.14 -35.43
C THR A 147 -7.51 8.42 -35.96
N LEU A 148 -7.09 7.33 -35.33
CA LEU A 148 -5.78 6.76 -35.71
C LEU A 148 -5.89 5.72 -36.82
N ILE A 149 -6.97 4.95 -36.88
CA ILE A 149 -7.02 3.83 -37.84
C ILE A 149 -7.71 4.24 -39.14
N LEU A 150 -8.85 4.92 -39.04
CA LEU A 150 -9.69 5.14 -40.22
C LEU A 150 -8.99 5.88 -41.33
N PRO A 151 -8.23 6.98 -41.09
CA PRO A 151 -7.62 7.68 -42.23
C PRO A 151 -6.80 6.76 -43.10
N VAL A 152 -5.83 6.02 -42.51
CA VAL A 152 -4.95 5.22 -43.34
C VAL A 152 -5.71 4.06 -44.00
N MET A 153 -6.74 3.52 -43.35
CA MET A 153 -7.50 2.46 -44.02
C MET A 153 -8.22 3.00 -45.25
N GLN A 154 -8.54 4.29 -45.23
CA GLN A 154 -9.23 4.90 -46.37
C GLN A 154 -8.27 5.14 -47.53
N GLU A 155 -7.09 5.68 -47.25
CA GLU A 155 -6.03 5.76 -48.26
C GLU A 155 -5.79 4.43 -48.94
N ILE A 156 -5.58 3.39 -48.13
CA ILE A 156 -5.32 2.06 -48.64
C ILE A 156 -6.53 1.51 -49.41
N GLY A 157 -7.74 1.90 -49.01
CA GLY A 157 -8.94 1.45 -49.67
C GLY A 157 -9.66 0.29 -49.01
N ILE A 158 -9.34 -0.03 -47.76
CA ILE A 158 -10.04 -1.09 -47.04
C ILE A 158 -11.17 -0.45 -46.25
N ASN A 159 -12.40 -0.89 -46.51
CA ASN A 159 -13.57 -0.38 -45.81
C ASN A 159 -13.52 -0.83 -44.36
N THR A 160 -13.49 0.12 -43.42
CA THR A 160 -13.26 -0.24 -42.02
C THR A 160 -14.31 0.35 -41.09
N GLU A 161 -14.60 -0.38 -40.02
CA GLU A 161 -15.46 0.11 -38.96
C GLU A 161 -14.86 -0.23 -37.60
N ILE A 162 -14.82 0.76 -36.71
CA ILE A 162 -14.40 0.55 -35.33
C ILE A 162 -15.55 -0.03 -34.53
N CYS A 163 -15.29 -1.12 -33.78
CA CYS A 163 -16.30 -1.76 -32.95
C CYS A 163 -15.78 -2.01 -31.53
N ILE A 164 -16.59 -1.68 -30.54
CA ILE A 164 -16.18 -1.81 -29.15
C ILE A 164 -17.27 -2.55 -28.39
N ILE A 165 -16.86 -3.57 -27.65
CA ILE A 165 -17.79 -4.42 -26.92
C ILE A 165 -17.41 -4.36 -25.45
N ARG A 166 -18.35 -3.91 -24.64
CA ARG A 166 -18.12 -3.67 -23.23
C ARG A 166 -19.01 -4.62 -22.43
N ALA A 167 -18.42 -5.26 -21.43
CA ALA A 167 -19.17 -6.02 -20.45
C ALA A 167 -19.20 -5.21 -19.17
N ASN A 168 -20.39 -4.98 -18.65
CA ASN A 168 -20.49 -4.53 -17.28
C ASN A 168 -20.12 -5.69 -16.37
N PRO A 169 -19.08 -5.57 -15.54
CA PRO A 169 -18.63 -6.75 -14.76
C PRO A 169 -19.54 -7.11 -13.60
N VAL A 170 -20.34 -6.16 -13.09
CA VAL A 170 -21.33 -6.48 -12.05
C VAL A 170 -22.55 -7.14 -12.65
N THR A 171 -23.16 -6.51 -13.66
CA THR A 171 -24.45 -6.96 -14.18
C THR A 171 -24.36 -7.98 -15.31
N ASN A 172 -23.18 -8.14 -15.91
CA ASN A 172 -22.93 -8.98 -17.09
C ASN A 172 -23.58 -8.49 -18.36
N GLN A 173 -24.07 -7.25 -18.41
CA GLN A 173 -24.74 -6.78 -19.61
C GLN A 173 -23.73 -6.31 -20.66
N ILE A 174 -24.02 -6.62 -21.91
CA ILE A 174 -23.12 -6.39 -23.04
C ILE A 174 -23.62 -5.19 -23.84
N SER A 175 -22.80 -4.14 -23.94
CA SER A 175 -23.04 -3.04 -24.86
C SER A 175 -22.11 -3.13 -26.06
N ILE A 176 -22.58 -2.64 -27.20
CA ILE A 176 -21.83 -2.72 -28.44
C ILE A 176 -21.91 -1.37 -29.16
N VAL A 177 -20.79 -0.96 -29.72
CA VAL A 177 -20.74 0.14 -30.67
C VAL A 177 -20.18 -0.43 -31.97
N GLY A 178 -20.84 -0.12 -33.08
CA GLY A 178 -20.50 -0.72 -34.35
C GLY A 178 -21.72 -1.32 -35.03
N GLU A 179 -22.27 -0.58 -36.00
CA GLU A 179 -23.53 -0.98 -36.63
C GLU A 179 -23.39 -2.31 -37.37
N GLN A 180 -22.30 -2.47 -38.12
CA GLN A 180 -22.07 -3.72 -38.85
C GLN A 180 -21.88 -4.90 -37.91
N PHE A 181 -21.14 -4.69 -36.81
CA PHE A 181 -20.97 -5.75 -35.84
C PHE A 181 -22.31 -6.20 -35.27
N LYS A 182 -23.18 -5.25 -34.93
CA LYS A 182 -24.49 -5.58 -34.39
C LYS A 182 -25.32 -6.34 -35.42
N ARG A 183 -25.21 -5.99 -36.69
CA ARG A 183 -25.99 -6.69 -37.71
C ARG A 183 -25.56 -8.14 -37.80
N LEU A 184 -24.26 -8.41 -37.75
CA LEU A 184 -23.79 -9.77 -37.93
C LEU A 184 -23.80 -10.59 -36.64
N PHE A 185 -24.05 -9.97 -35.49
CA PHE A 185 -24.22 -10.70 -34.22
C PHE A 185 -25.35 -10.08 -33.43
N PRO A 186 -26.60 -10.37 -33.80
CA PRO A 186 -27.73 -9.82 -33.04
C PRO A 186 -27.83 -10.44 -31.67
N THR A 187 -27.35 -11.67 -31.50
CA THR A 187 -27.33 -12.36 -30.21
C THR A 187 -25.89 -12.71 -29.87
N ILE A 188 -25.52 -12.49 -28.61
CA ILE A 188 -24.19 -12.77 -28.10
C ILE A 188 -24.30 -13.78 -26.97
N PRO A 189 -24.24 -15.08 -27.25
CA PRO A 189 -24.39 -16.10 -26.16
C PRO A 189 -23.14 -16.27 -25.30
N VAL A 190 -22.82 -15.25 -24.50
CA VAL A 190 -21.74 -15.33 -23.51
C VAL A 190 -22.32 -15.75 -22.17
N GLU A 191 -21.57 -16.54 -21.42
CA GLU A 191 -21.89 -16.81 -20.02
C GLU A 191 -20.69 -16.31 -19.22
N LEU A 192 -20.84 -15.15 -18.60
CA LEU A 192 -19.73 -14.51 -17.92
C LEU A 192 -19.90 -14.64 -16.41
N ASN A 193 -18.78 -14.76 -15.71
CA ASN A 193 -18.81 -14.63 -14.26
C ASN A 193 -17.50 -13.98 -13.83
N PHE A 194 -17.58 -12.75 -13.35
CA PHE A 194 -16.43 -11.98 -12.90
C PHE A 194 -16.25 -12.01 -11.38
N ALA A 195 -17.08 -12.79 -10.66
CA ALA A 195 -17.04 -12.80 -9.21
C ALA A 195 -15.62 -13.05 -8.67
N ARG A 196 -14.90 -14.00 -9.25
CA ARG A 196 -13.57 -14.29 -8.70
C ARG A 196 -12.65 -13.09 -8.82
N PHE A 197 -12.80 -12.26 -9.86
CA PHE A 197 -11.93 -11.08 -9.98
C PHE A 197 -12.20 -10.08 -8.88
N PHE A 198 -13.46 -9.90 -8.49
CA PHE A 198 -13.77 -9.06 -7.32
C PHE A 198 -13.22 -9.67 -6.03
N GLU A 199 -13.41 -10.97 -5.83
CA GLU A 199 -12.88 -11.64 -4.65
C GLU A 199 -11.40 -11.33 -4.48
N LEU A 200 -10.63 -11.48 -5.57
CA LEU A 200 -9.18 -11.33 -5.51
C LEU A 200 -8.79 -9.89 -5.22
N ARG A 201 -9.36 -8.93 -5.96
CA ARG A 201 -9.07 -7.52 -5.70
C ARG A 201 -9.52 -7.11 -4.30
N LYS A 202 -10.69 -7.59 -3.87
CA LYS A 202 -11.15 -7.23 -2.52
C LYS A 202 -10.15 -7.71 -1.49
N MET A 203 -9.67 -8.95 -1.62
CA MET A 203 -8.67 -9.47 -0.67
C MET A 203 -7.43 -8.59 -0.62
N LEU A 204 -6.95 -8.14 -1.80
CA LEU A 204 -5.76 -7.28 -1.84
C LEU A 204 -6.03 -5.93 -1.16
N LEU A 205 -7.20 -5.33 -1.43
CA LEU A 205 -7.48 -4.01 -0.86
C LEU A 205 -7.66 -4.09 0.64
N ASP A 206 -8.27 -5.18 1.14
CA ASP A 206 -8.37 -5.40 2.58
C ASP A 206 -6.99 -5.51 3.23
N LYS A 207 -6.05 -6.20 2.56
CA LYS A 207 -4.73 -6.41 3.15
C LYS A 207 -4.00 -5.09 3.36
N PHE A 208 -4.18 -4.13 2.47
CA PHE A 208 -3.55 -2.82 2.56
C PHE A 208 -4.56 -1.75 2.91
N ALA A 209 -5.47 -2.05 3.85
CA ALA A 209 -6.56 -1.15 4.16
C ALA A 209 -6.05 0.18 4.69
N ASP A 210 -4.96 0.16 5.47
CA ASP A 210 -4.41 1.40 5.99
C ASP A 210 -3.38 2.04 5.06
N ASP A 211 -2.75 1.26 4.17
CA ASP A 211 -1.53 1.70 3.49
C ASP A 211 -1.72 2.98 2.70
N GLU A 212 -1.07 4.05 3.17
CA GLU A 212 -1.22 5.37 2.56
C GLU A 212 -0.52 5.43 1.20
N GLU A 213 0.76 5.05 1.18
CA GLU A 213 1.49 4.96 -0.09
C GLU A 213 0.69 4.17 -1.12
N PHE A 214 0.14 3.03 -0.69
CA PHE A 214 -0.60 2.17 -1.61
C PHE A 214 -1.86 2.85 -2.11
N LEU A 215 -2.62 3.45 -1.20
CA LEU A 215 -3.84 4.17 -1.60
C LEU A 215 -3.52 5.25 -2.63
N MET A 216 -2.32 5.86 -2.54
CA MET A 216 -1.90 6.89 -3.49
C MET A 216 -1.76 6.37 -4.92
N MET A 217 -1.82 5.06 -5.12
CA MET A 217 -1.97 4.47 -6.46
C MET A 217 -3.27 3.68 -6.56
N ILE A 218 -4.25 4.04 -5.74
CA ILE A 218 -5.57 3.41 -5.72
C ILE A 218 -5.44 1.92 -5.46
N ASP B 39 14.92 16.23 -29.47
CA ASP B 39 14.22 16.07 -28.19
C ASP B 39 13.85 17.43 -27.58
N PRO B 40 12.69 17.50 -26.93
CA PRO B 40 12.27 18.75 -26.28
C PRO B 40 13.21 19.22 -25.17
N MET B 41 13.86 18.31 -24.45
CA MET B 41 14.84 18.72 -23.46
C MET B 41 15.91 19.59 -24.10
N TYR B 42 16.45 19.15 -25.24
CA TYR B 42 17.48 19.91 -25.94
C TYR B 42 16.95 21.25 -26.43
N GLU B 43 15.78 21.24 -27.07
CA GLU B 43 15.25 22.49 -27.65
C GLU B 43 14.98 23.52 -26.56
N GLN B 44 14.43 23.07 -25.43
CA GLN B 44 14.26 23.95 -24.27
C GLN B 44 15.59 24.55 -23.83
N PHE B 45 16.67 23.77 -23.83
CA PHE B 45 17.96 24.30 -23.42
C PHE B 45 18.51 25.25 -24.46
N LEU B 46 18.39 24.88 -25.74
CA LEU B 46 18.77 25.78 -26.82
C LEU B 46 18.12 27.14 -26.67
N GLN B 47 16.83 27.16 -26.31
CA GLN B 47 16.10 28.42 -26.24
C GLN B 47 16.63 29.31 -25.12
N ARG B 48 16.89 28.71 -23.95
CA ARG B 48 17.45 29.50 -22.86
C ARG B 48 18.80 30.07 -23.24
N ILE B 49 19.61 29.29 -23.96
CA ILE B 49 20.93 29.76 -24.36
C ILE B 49 20.79 30.81 -25.45
N GLN B 50 19.88 30.60 -26.40
CA GLN B 50 19.56 31.65 -27.37
C GLN B 50 19.21 32.94 -26.64
N ALA B 51 18.48 32.83 -25.51
CA ALA B 51 17.89 33.99 -24.85
C ALA B 51 18.83 34.72 -23.91
N VAL B 52 19.77 34.01 -23.29
CA VAL B 52 20.44 34.52 -22.11
C VAL B 52 21.47 35.58 -22.49
N ARG B 53 21.70 36.53 -21.55
CA ARG B 53 22.80 37.46 -21.72
C ARG B 53 23.36 38.01 -20.41
N THR B 54 23.17 37.35 -19.28
CA THR B 54 23.90 37.70 -18.06
C THR B 54 24.60 36.46 -17.52
N ALA B 55 25.77 36.67 -16.94
CA ALA B 55 26.56 35.55 -16.45
C ALA B 55 25.81 34.77 -15.37
N THR B 56 24.94 35.43 -14.63
CA THR B 56 24.28 34.73 -13.53
C THR B 56 23.19 33.79 -14.03
N VAL B 57 22.40 34.21 -15.03
CA VAL B 57 21.44 33.29 -15.63
C VAL B 57 22.18 32.18 -16.37
N ALA B 58 23.40 32.46 -16.83
CA ALA B 58 24.17 31.45 -17.56
C ALA B 58 24.72 30.37 -16.61
N LYS B 59 25.11 30.75 -15.40
CA LYS B 59 25.47 29.72 -14.43
C LYS B 59 24.28 28.82 -14.14
N ASP B 60 23.09 29.41 -14.01
CA ASP B 60 21.88 28.63 -13.76
C ASP B 60 21.65 27.61 -14.87
N ILE B 61 21.81 28.02 -16.13
CA ILE B 61 21.59 27.11 -17.25
C ILE B 61 22.62 25.98 -17.21
N SER B 62 23.88 26.31 -16.94
CA SER B 62 24.93 25.30 -16.94
C SER B 62 24.69 24.26 -15.85
N ALA B 63 24.27 24.69 -14.66
CA ALA B 63 23.97 23.70 -13.61
C ALA B 63 22.80 22.82 -14.01
N ASP B 64 21.81 23.40 -14.68
CA ASP B 64 20.64 22.63 -15.14
C ASP B 64 21.02 21.59 -16.19
N ILE B 65 21.91 21.95 -17.13
CA ILE B 65 22.36 20.99 -18.13
C ILE B 65 23.02 19.81 -17.45
N LEU B 66 23.84 20.08 -16.44
CA LEU B 66 24.51 19.01 -15.72
C LEU B 66 23.53 18.14 -14.95
N GLU B 67 22.45 18.71 -14.41
CA GLU B 67 21.44 17.87 -13.79
C GLU B 67 20.70 17.05 -14.83
N ALA B 68 20.39 17.63 -16.00
CA ALA B 68 19.64 16.89 -17.00
C ALA B 68 20.47 15.74 -17.56
N ARG B 69 21.78 15.92 -17.67
CA ARG B 69 22.69 14.84 -18.05
C ARG B 69 22.59 13.68 -17.05
N HIS B 70 22.71 14.00 -15.77
CA HIS B 70 22.52 13.01 -14.73
C HIS B 70 21.16 12.31 -14.86
N ASP B 71 20.07 13.10 -14.99
CA ASP B 71 18.74 12.53 -15.09
C ASP B 71 18.58 11.68 -16.35
N TYR B 72 19.14 12.12 -17.48
CA TYR B 72 19.10 11.28 -18.69
C TYR B 72 19.79 9.94 -18.45
N PHE B 73 20.92 9.95 -17.75
CA PHE B 73 21.57 8.67 -17.44
C PHE B 73 20.66 7.78 -16.59
N GLY B 74 20.04 8.35 -15.57
CA GLY B 74 19.17 7.55 -14.71
C GLY B 74 18.04 6.90 -15.49
N ARG B 75 17.35 7.69 -16.31
CA ARG B 75 16.24 7.18 -17.11
C ARG B 75 16.70 6.04 -18.01
N GLU B 76 17.82 6.25 -18.72
CA GLU B 76 18.31 5.23 -19.63
C GLU B 76 18.80 4.01 -18.88
N LEU B 77 19.45 4.21 -17.73
CA LEU B 77 19.89 3.08 -16.93
C LEU B 77 18.70 2.22 -16.48
N CYS B 78 17.64 2.86 -15.96
CA CYS B 78 16.52 2.08 -15.45
C CYS B 78 15.77 1.39 -16.57
N ARG B 79 15.61 2.08 -17.70
CA ARG B 79 14.98 1.50 -18.87
C ARG B 79 15.72 0.25 -19.33
N ALA B 80 17.04 0.38 -19.54
CA ALA B 80 17.83 -0.74 -20.05
C ALA B 80 17.80 -1.94 -19.10
N LEU B 81 17.69 -1.69 -17.79
CA LEU B 81 17.75 -2.76 -16.79
C LEU B 81 16.38 -3.23 -16.35
N ASP B 82 15.31 -2.66 -16.89
CA ASP B 82 13.94 -3.06 -16.53
C ASP B 82 13.70 -2.95 -15.02
N ILE B 83 14.02 -1.80 -14.46
CA ILE B 83 13.64 -1.44 -13.11
C ILE B 83 12.85 -0.15 -13.16
N GLU B 84 11.99 0.05 -12.16
CA GLU B 84 11.16 1.24 -12.13
C GLU B 84 12.01 2.48 -11.96
N TYR B 85 11.72 3.50 -12.76
CA TYR B 85 12.51 4.72 -12.72
C TYR B 85 11.96 5.67 -11.67
N ARG B 86 12.84 6.15 -10.81
CA ARG B 86 12.52 7.18 -9.83
C ARG B 86 13.72 8.10 -9.77
N ASN B 87 13.50 9.27 -9.19
CA ASN B 87 14.55 10.28 -9.14
C ASN B 87 14.33 11.11 -7.88
N ASN B 88 15.13 10.84 -6.86
CA ASN B 88 15.00 11.48 -5.56
C ASN B 88 13.75 11.00 -4.85
N VAL B 89 13.94 10.10 -3.89
CA VAL B 89 12.86 9.56 -3.06
C VAL B 89 13.27 9.72 -1.61
N LEU B 90 12.46 10.43 -0.83
CA LEU B 90 12.69 10.54 0.61
C LEU B 90 12.88 9.15 1.21
N LEU B 91 13.90 9.01 2.05
CA LEU B 91 14.08 7.73 2.73
C LEU B 91 12.82 7.30 3.49
N ASP B 92 12.06 8.26 4.03
CA ASP B 92 10.79 7.93 4.68
C ASP B 92 9.88 7.15 3.74
N GLU B 93 9.80 7.58 2.47
CA GLU B 93 8.90 6.93 1.54
C GLU B 93 9.41 5.56 1.13
N ILE B 94 10.72 5.38 1.03
CA ILE B 94 11.27 4.06 0.75
C ILE B 94 10.87 3.10 1.86
N ILE B 95 11.13 3.48 3.10
CA ILE B 95 10.84 2.60 4.23
C ILE B 95 9.35 2.24 4.26
N LEU B 96 8.48 3.24 4.12
CA LEU B 96 7.04 2.97 4.12
C LEU B 96 6.63 2.10 2.94
N ASP B 97 7.48 1.96 1.93
CA ASP B 97 7.08 1.14 0.80
C ASP B 97 7.45 -0.31 1.04
N VAL B 98 8.71 -0.56 1.44
CA VAL B 98 9.17 -1.93 1.68
C VAL B 98 8.69 -2.45 3.03
N TYR B 99 8.25 -1.58 3.93
CA TYR B 99 7.80 -1.99 5.27
C TYR B 99 6.65 -1.09 5.70
N PRO B 100 5.47 -1.27 5.12
CA PRO B 100 4.39 -0.30 5.36
C PRO B 100 3.87 -0.29 6.78
N GLY B 101 4.12 -1.34 7.57
CA GLY B 101 3.70 -1.34 8.95
C GLY B 101 4.80 -0.97 9.94
N VAL B 102 5.82 -0.24 9.48
CA VAL B 102 6.84 0.24 10.41
C VAL B 102 6.17 1.18 11.40
N ASN B 103 6.64 1.18 12.64
CA ASN B 103 6.13 2.20 13.56
C ASN B 103 7.11 3.36 13.49
N LEU B 104 6.80 4.29 12.58
CA LEU B 104 7.74 5.31 12.12
C LEU B 104 8.18 6.27 13.22
N MET B 105 7.30 6.60 14.18
CA MET B 105 7.72 7.58 15.19
C MET B 105 8.79 7.03 16.13
N GLU B 106 9.01 5.72 16.17
CA GLU B 106 10.02 5.19 17.07
C GLU B 106 11.44 5.45 16.57
N TYR B 107 11.58 5.86 15.32
CA TYR B 107 12.89 5.93 14.67
C TYR B 107 13.13 7.34 14.17
N ASN B 108 14.40 7.70 14.05
CA ASN B 108 14.77 9.05 13.67
C ASN B 108 15.45 8.97 12.31
N VAL B 109 14.66 9.20 11.26
CA VAL B 109 15.06 9.00 9.86
C VAL B 109 15.60 10.29 9.26
N PRO B 110 16.82 10.29 8.72
CA PRO B 110 17.33 11.47 8.03
C PRO B 110 16.55 11.80 6.76
N HIS B 111 16.42 13.11 6.51
CA HIS B 111 15.67 13.65 5.38
C HIS B 111 16.42 13.61 4.04
N VAL B 112 17.09 12.50 3.76
CA VAL B 112 17.90 12.32 2.56
C VAL B 112 17.02 11.77 1.44
N THR B 113 17.37 12.11 0.19
CA THR B 113 16.60 11.68 -0.99
C THR B 113 17.50 11.02 -2.02
N PRO B 114 17.82 9.73 -1.85
CA PRO B 114 18.56 9.02 -2.90
C PRO B 114 17.73 8.87 -4.15
N ASP B 115 18.42 8.61 -5.26
CA ASP B 115 17.81 8.65 -6.59
C ASP B 115 16.73 7.59 -6.75
N ASN B 116 17.02 6.36 -6.35
CA ASN B 116 16.13 5.22 -6.59
C ASN B 116 16.42 4.13 -5.56
N TYR B 117 15.74 3.00 -5.72
CA TYR B 117 15.99 1.87 -4.85
C TYR B 117 15.44 0.62 -5.52
N ILE B 118 15.92 -0.52 -5.04
CA ILE B 118 15.39 -1.80 -5.47
C ILE B 118 15.17 -2.65 -4.21
N TRP B 119 14.00 -3.25 -4.12
CA TRP B 119 13.67 -4.20 -3.07
C TRP B 119 13.61 -5.57 -3.71
N THR B 120 14.51 -6.46 -3.31
CA THR B 120 14.63 -7.74 -3.99
C THR B 120 13.66 -8.77 -3.46
N GLY B 121 13.12 -8.55 -2.27
CA GLY B 121 12.48 -9.60 -1.50
C GLY B 121 13.15 -9.72 -0.14
N ASP B 122 14.48 -9.63 -0.11
CA ASP B 122 15.23 -9.75 1.12
C ASP B 122 16.28 -8.66 1.34
N MET B 123 16.52 -7.80 0.35
CA MET B 123 17.52 -6.75 0.50
C MET B 123 17.01 -5.45 -0.07
N LEU B 124 17.34 -4.34 0.57
CA LEU B 124 17.03 -3.02 0.04
C LEU B 124 18.31 -2.43 -0.53
N LEU B 125 18.29 -2.13 -1.82
CA LEU B 125 19.44 -1.55 -2.49
C LEU B 125 19.13 -0.08 -2.76
N ILE B 126 19.88 0.81 -2.11
CA ILE B 126 19.77 2.24 -2.32
C ILE B 126 20.61 2.63 -3.53
N LEU B 127 20.00 3.26 -4.54
CA LEU B 127 20.68 3.60 -5.78
C LEU B 127 20.87 5.09 -5.90
N ASP B 128 22.07 5.50 -6.26
CA ASP B 128 22.26 6.87 -6.72
C ASP B 128 23.01 6.86 -8.04
N TYR B 129 22.47 7.57 -9.03
CA TYR B 129 23.12 7.77 -10.31
C TYR B 129 24.18 8.87 -10.21
N LYS B 130 25.23 8.72 -11.02
CA LYS B 130 26.30 9.70 -11.12
C LYS B 130 26.76 9.78 -12.57
N VAL B 131 27.12 10.97 -13.02
CA VAL B 131 27.76 11.17 -14.31
C VAL B 131 28.97 12.07 -14.09
N SER B 132 30.16 11.54 -14.39
CA SER B 132 31.38 12.25 -14.04
C SER B 132 32.56 11.47 -14.63
N VAL B 133 33.60 12.18 -15.04
CA VAL B 133 34.81 11.50 -15.52
C VAL B 133 35.64 10.95 -14.38
N GLY B 134 35.48 11.48 -13.16
CA GLY B 134 36.20 11.02 -12.00
C GLY B 134 35.29 10.28 -11.03
N HIS B 135 35.83 10.02 -9.84
CA HIS B 135 35.06 9.32 -8.83
C HIS B 135 34.94 10.05 -7.50
N ASP B 136 35.51 11.25 -7.37
CA ASP B 136 35.44 11.97 -6.09
C ASP B 136 33.98 12.23 -5.68
N SER B 137 33.11 12.59 -6.62
CA SER B 137 31.72 12.85 -6.25
C SER B 137 31.00 11.56 -5.90
N THR B 138 31.42 10.43 -6.48
CA THR B 138 30.89 9.14 -6.06
C THR B 138 31.28 8.81 -4.62
N GLU B 139 32.56 9.02 -4.29
CA GLU B 139 33.00 8.72 -2.92
C GLU B 139 32.25 9.57 -1.91
N VAL B 140 32.01 10.85 -2.22
CA VAL B 140 31.35 11.73 -1.26
C VAL B 140 29.94 11.23 -0.96
N THR B 141 29.17 10.94 -2.01
CA THR B 141 27.82 10.40 -1.81
C THR B 141 27.86 9.07 -1.07
N TYR B 142 28.89 8.26 -1.34
CA TYR B 142 29.01 6.96 -0.69
C TYR B 142 29.26 7.10 0.80
N LYS B 143 30.21 7.97 1.21
CA LYS B 143 30.47 8.16 2.64
C LYS B 143 29.24 8.66 3.37
N LYS B 144 28.46 9.51 2.71
CA LYS B 144 27.32 10.17 3.36
C LYS B 144 26.15 9.21 3.54
N TYR B 145 25.83 8.44 2.51
CA TYR B 145 24.71 7.51 2.64
C TYR B 145 25.06 6.35 3.56
N THR B 146 26.33 5.95 3.62
CA THR B 146 26.74 4.88 4.52
C THR B 146 26.49 5.27 5.98
N THR B 147 26.87 6.48 6.36
CA THR B 147 26.76 6.89 7.75
C THR B 147 25.36 7.36 8.14
N LEU B 148 24.61 7.97 7.20
CA LEU B 148 23.28 8.47 7.53
C LEU B 148 22.20 7.40 7.41
N ILE B 149 22.26 6.53 6.38
CA ILE B 149 21.18 5.59 6.09
C ILE B 149 21.34 4.26 6.85
N LEU B 150 22.53 3.66 6.78
CA LEU B 150 22.71 2.31 7.31
C LEU B 150 22.36 2.19 8.79
N PRO B 151 22.71 3.13 9.67
CA PRO B 151 22.35 2.94 11.09
C PRO B 151 20.86 2.78 11.30
N VAL B 152 20.04 3.64 10.69
CA VAL B 152 18.61 3.61 10.94
C VAL B 152 17.96 2.36 10.34
N MET B 153 18.48 1.87 9.21
CA MET B 153 17.91 0.67 8.60
C MET B 153 18.24 -0.57 9.41
N GLN B 154 19.37 -0.55 10.12
CA GLN B 154 19.67 -1.69 11.00
C GLN B 154 18.72 -1.69 12.20
N GLU B 155 18.50 -0.51 12.79
CA GLU B 155 17.54 -0.36 13.87
C GLU B 155 16.15 -0.84 13.44
N ILE B 156 15.74 -0.52 12.22
CA ILE B 156 14.46 -1.03 11.74
C ILE B 156 14.57 -2.51 11.36
N GLY B 157 15.77 -2.99 11.06
CA GLY B 157 15.96 -4.38 10.70
C GLY B 157 15.80 -4.67 9.24
N ILE B 158 16.06 -3.70 8.37
CA ILE B 158 15.98 -3.90 6.92
C ILE B 158 17.40 -4.04 6.38
N ASN B 159 17.67 -5.15 5.72
CA ASN B 159 19.00 -5.39 5.16
C ASN B 159 19.22 -4.42 4.00
N THR B 160 20.21 -3.53 4.13
CA THR B 160 20.38 -2.45 3.17
C THR B 160 21.80 -2.42 2.62
N GLU B 161 21.91 -2.11 1.34
CA GLU B 161 23.18 -1.86 0.66
C GLU B 161 23.10 -0.54 -0.08
N ILE B 162 24.08 0.33 0.14
CA ILE B 162 24.25 1.54 -0.66
C ILE B 162 24.90 1.15 -1.99
N CYS B 163 24.30 1.60 -3.10
CA CYS B 163 24.82 1.34 -4.43
C CYS B 163 24.82 2.61 -5.26
N ILE B 164 25.90 2.81 -5.99
CA ILE B 164 26.14 3.99 -6.80
C ILE B 164 26.58 3.53 -8.17
N ILE B 165 25.91 4.04 -9.21
CA ILE B 165 26.19 3.68 -10.58
C ILE B 165 26.62 4.96 -11.29
N ARG B 166 27.83 4.97 -11.82
CA ARG B 166 28.42 6.15 -12.41
C ARG B 166 28.66 5.94 -13.90
N ALA B 167 28.24 6.92 -14.71
CA ALA B 167 28.59 6.96 -16.12
C ALA B 167 29.67 8.01 -16.36
N ASN B 168 30.72 7.61 -17.06
CA ASN B 168 31.70 8.55 -17.61
C ASN B 168 31.10 9.16 -18.87
N PRO B 169 30.88 10.48 -18.93
CA PRO B 169 30.15 11.02 -20.08
C PRO B 169 30.98 11.12 -21.33
N VAL B 170 32.32 10.97 -21.24
CA VAL B 170 33.21 11.01 -22.41
C VAL B 170 33.36 9.63 -23.02
N THR B 171 33.60 8.60 -22.20
CA THR B 171 33.80 7.25 -22.70
C THR B 171 32.53 6.40 -22.72
N ASN B 172 31.49 6.77 -21.99
CA ASN B 172 30.26 6.01 -21.78
C ASN B 172 30.46 4.77 -20.89
N GLN B 173 31.61 4.64 -20.22
CA GLN B 173 31.82 3.48 -19.36
C GLN B 173 31.08 3.61 -18.03
N ILE B 174 30.44 2.52 -17.61
CA ILE B 174 29.66 2.45 -16.38
C ILE B 174 30.50 1.78 -15.30
N SER B 175 30.55 2.40 -14.13
CA SER B 175 31.23 1.87 -12.96
C SER B 175 30.21 1.70 -11.83
N ILE B 176 30.30 0.57 -11.12
CA ILE B 176 29.34 0.22 -10.09
C ILE B 176 30.06 0.04 -8.77
N VAL B 177 29.47 0.59 -7.71
CA VAL B 177 29.84 0.33 -6.32
C VAL B 177 28.65 -0.36 -5.68
N GLY B 178 28.84 -1.56 -5.17
CA GLY B 178 27.74 -2.31 -4.59
C GLY B 178 27.72 -3.78 -4.98
N GLU B 179 28.20 -4.64 -4.06
CA GLU B 179 28.42 -6.05 -4.39
C GLU B 179 27.13 -6.75 -4.77
N GLN B 180 26.03 -6.43 -4.07
CA GLN B 180 24.74 -7.05 -4.36
C GLN B 180 24.18 -6.59 -5.70
N PHE B 181 24.34 -5.30 -6.01
CA PHE B 181 23.89 -4.80 -7.31
C PHE B 181 24.63 -5.48 -8.44
N LYS B 182 25.93 -5.75 -8.25
CA LYS B 182 26.70 -6.41 -9.30
C LYS B 182 26.21 -7.84 -9.52
N ARG B 183 25.86 -8.54 -8.43
CA ARG B 183 25.36 -9.91 -8.57
C ARG B 183 24.04 -9.96 -9.34
N LEU B 184 23.18 -8.96 -9.18
CA LEU B 184 21.91 -8.97 -9.90
C LEU B 184 22.04 -8.46 -11.33
N PHE B 185 22.99 -7.57 -11.58
CA PHE B 185 23.23 -7.03 -12.92
C PHE B 185 24.71 -7.16 -13.20
N PRO B 186 25.13 -8.29 -13.74
CA PRO B 186 26.53 -8.42 -14.15
C PRO B 186 26.76 -7.71 -15.49
N THR B 187 25.87 -7.96 -16.44
CA THR B 187 25.90 -7.30 -17.73
C THR B 187 25.05 -6.03 -17.62
N ILE B 188 25.71 -4.90 -17.38
CA ILE B 188 25.05 -3.60 -17.49
C ILE B 188 25.64 -2.87 -18.68
N PRO B 189 25.49 -3.38 -19.91
CA PRO B 189 25.95 -2.62 -21.07
C PRO B 189 24.83 -1.74 -21.58
N VAL B 190 24.77 -0.51 -21.10
CA VAL B 190 23.74 0.42 -21.52
C VAL B 190 24.32 1.34 -22.58
N GLU B 191 23.59 1.50 -23.69
CA GLU B 191 23.99 2.41 -24.75
C GLU B 191 23.65 3.84 -24.36
N LEU B 192 24.65 4.71 -24.33
CA LEU B 192 24.46 6.10 -23.93
C LEU B 192 25.06 7.04 -24.95
N ASN B 193 24.49 8.23 -25.03
CA ASN B 193 25.01 9.30 -25.89
C ASN B 193 24.82 10.62 -25.16
N PHE B 194 25.91 11.14 -24.59
CA PHE B 194 25.91 12.40 -23.88
C PHE B 194 26.27 13.58 -24.76
N ALA B 195 26.40 13.36 -26.06
CA ALA B 195 26.94 14.38 -26.95
C ALA B 195 26.13 15.67 -26.90
N ARG B 196 24.82 15.58 -27.00
CA ARG B 196 24.05 16.82 -27.03
C ARG B 196 24.25 17.65 -25.75
N PHE B 197 24.59 17.02 -24.61
CA PHE B 197 24.81 17.82 -23.41
C PHE B 197 26.09 18.63 -23.50
N PHE B 198 27.18 18.03 -24.00
CA PHE B 198 28.42 18.78 -24.23
C PHE B 198 28.22 19.90 -25.25
N GLU B 199 27.38 19.67 -26.26
CA GLU B 199 27.19 20.70 -27.28
C GLU B 199 26.50 21.92 -26.70
N LEU B 200 25.38 21.72 -25.98
CA LEU B 200 24.70 22.85 -25.35
C LEU B 200 25.66 23.63 -24.46
N ARG B 201 26.40 22.94 -23.57
CA ARG B 201 27.32 23.63 -22.68
C ARG B 201 28.41 24.37 -23.45
N LYS B 202 28.90 23.78 -24.54
CA LYS B 202 29.91 24.46 -25.35
C LYS B 202 29.35 25.78 -25.92
N MET B 203 28.10 25.77 -26.38
CA MET B 203 27.48 27.01 -26.83
C MET B 203 27.49 28.05 -25.74
N LEU B 204 27.33 27.63 -24.48
CA LEU B 204 27.19 28.59 -23.39
C LEU B 204 28.54 29.19 -23.04
N LEU B 205 29.57 28.34 -22.94
CA LEU B 205 30.93 28.83 -22.77
C LEU B 205 31.35 29.74 -23.92
N ASP B 206 31.02 29.37 -25.16
CA ASP B 206 31.40 30.23 -26.29
C ASP B 206 30.77 31.61 -26.14
N LYS B 207 29.46 31.66 -25.91
CA LYS B 207 28.75 32.92 -25.77
C LYS B 207 29.32 33.78 -24.64
N PHE B 208 29.84 33.13 -23.59
CA PHE B 208 30.36 33.81 -22.41
C PHE B 208 31.85 33.53 -22.22
N ALA B 209 32.64 33.64 -23.29
CA ALA B 209 34.06 33.33 -23.22
C ALA B 209 34.92 34.58 -23.00
N ASP B 210 34.37 35.77 -23.19
CA ASP B 210 35.13 37.01 -22.99
C ASP B 210 34.80 37.59 -21.63
N ASP C 39 13.36 -18.83 10.94
CA ASP C 39 12.81 -19.60 12.06
C ASP C 39 13.24 -21.05 11.97
N PRO C 40 13.57 -21.66 13.12
CA PRO C 40 13.83 -23.11 13.10
C PRO C 40 12.61 -23.89 12.70
N MET C 41 11.41 -23.39 12.98
CA MET C 41 10.20 -24.07 12.56
C MET C 41 10.11 -24.12 11.04
N TYR C 42 10.44 -23.01 10.38
CA TYR C 42 10.45 -23.00 8.91
C TYR C 42 11.43 -24.04 8.37
N GLU C 43 12.66 -24.02 8.88
CA GLU C 43 13.68 -24.94 8.37
C GLU C 43 13.27 -26.40 8.58
N GLN C 44 12.59 -26.71 9.68
CA GLN C 44 12.11 -28.07 9.89
C GLN C 44 11.09 -28.47 8.83
N PHE C 45 10.12 -27.60 8.55
CA PHE C 45 9.16 -27.93 7.50
C PHE C 45 9.85 -28.06 6.15
N LEU C 46 10.74 -27.12 5.82
CA LEU C 46 11.48 -27.18 4.55
C LEU C 46 12.27 -28.48 4.45
N GLN C 47 12.91 -28.90 5.54
CA GLN C 47 13.63 -30.16 5.55
C GLN C 47 12.68 -31.34 5.34
N ARG C 48 11.50 -31.33 5.96
CA ARG C 48 10.53 -32.41 5.74
C ARG C 48 10.01 -32.42 4.30
N ILE C 49 9.77 -31.23 3.73
CA ILE C 49 9.34 -31.14 2.34
C ILE C 49 10.45 -31.60 1.40
N GLN C 50 11.71 -31.29 1.73
CA GLN C 50 12.83 -31.78 0.92
C GLN C 50 12.90 -33.30 0.91
N ALA C 51 12.46 -33.95 1.98
CA ALA C 51 12.74 -35.36 2.15
C ALA C 51 11.61 -36.29 1.72
N VAL C 52 10.37 -35.82 1.68
CA VAL C 52 9.23 -36.73 1.63
C VAL C 52 9.05 -37.28 0.22
N ARG C 53 8.70 -38.57 0.15
CA ARG C 53 8.49 -39.27 -1.11
C ARG C 53 7.13 -39.95 -1.21
N THR C 54 6.37 -40.03 -0.12
CA THR C 54 5.08 -40.70 -0.11
C THR C 54 3.98 -39.73 0.27
N ALA C 55 2.84 -39.85 -0.43
CA ALA C 55 1.73 -38.94 -0.22
C ALA C 55 1.21 -38.97 1.21
N THR C 56 1.32 -40.12 1.88
CA THR C 56 0.78 -40.22 3.23
C THR C 56 1.63 -39.42 4.21
N VAL C 57 2.95 -39.41 4.02
CA VAL C 57 3.75 -38.51 4.86
C VAL C 57 3.59 -37.08 4.37
N ALA C 58 3.32 -36.90 3.07
CA ALA C 58 3.05 -35.56 2.56
C ALA C 58 1.78 -34.99 3.20
N LYS C 59 0.73 -35.80 3.33
CA LYS C 59 -0.55 -35.32 3.85
C LYS C 59 -0.43 -34.83 5.29
N ASP C 60 0.38 -35.50 6.10
CA ASP C 60 0.57 -35.02 7.45
C ASP C 60 1.52 -33.83 7.52
N ILE C 61 2.34 -33.60 6.48
CA ILE C 61 3.09 -32.36 6.45
C ILE C 61 2.16 -31.18 6.26
N SER C 62 1.16 -31.35 5.39
CA SER C 62 0.19 -30.29 5.12
C SER C 62 -0.62 -29.95 6.36
N ALA C 63 -1.18 -30.97 7.03
CA ALA C 63 -1.90 -30.75 8.27
C ALA C 63 -1.01 -30.08 9.31
N ASP C 64 0.26 -30.49 9.38
CA ASP C 64 1.18 -29.88 10.33
C ASP C 64 1.45 -28.42 10.03
N ILE C 65 1.43 -28.03 8.76
CA ILE C 65 1.62 -26.62 8.44
C ILE C 65 0.39 -25.82 8.85
N LEU C 66 -0.79 -26.34 8.53
CA LEU C 66 -2.03 -25.67 8.92
C LEU C 66 -2.13 -25.54 10.44
N GLU C 67 -1.69 -26.56 11.19
CA GLU C 67 -1.72 -26.46 12.64
C GLU C 67 -0.71 -25.43 13.13
N ALA C 68 0.49 -25.44 12.56
CA ALA C 68 1.51 -24.47 12.97
C ALA C 68 1.09 -23.05 12.65
N ARG C 69 0.47 -22.85 11.49
CA ARG C 69 -0.11 -21.56 11.19
C ARG C 69 -1.10 -21.14 12.29
N HIS C 70 -2.00 -22.04 12.68
CA HIS C 70 -2.96 -21.72 13.74
C HIS C 70 -2.27 -21.37 15.05
N ASP C 71 -1.19 -22.10 15.40
CA ASP C 71 -0.55 -21.84 16.70
C ASP C 71 0.31 -20.59 16.66
N TYR C 72 0.90 -20.26 15.49
CA TYR C 72 1.59 -18.98 15.35
C TYR C 72 0.64 -17.81 15.63
N PHE C 73 -0.57 -17.88 15.09
CA PHE C 73 -1.55 -16.84 15.40
C PHE C 73 -1.89 -16.79 16.88
N GLY C 74 -2.15 -17.94 17.50
CA GLY C 74 -2.49 -17.95 18.92
C GLY C 74 -1.43 -17.27 19.78
N ARG C 75 -0.15 -17.56 19.49
CA ARG C 75 0.94 -16.98 20.27
C ARG C 75 1.02 -15.47 20.07
N GLU C 76 1.09 -15.02 18.81
CA GLU C 76 1.14 -13.58 18.54
C GLU C 76 -0.06 -12.86 19.16
N LEU C 77 -1.26 -13.46 19.04
CA LEU C 77 -2.45 -12.81 19.59
C LEU C 77 -2.34 -12.67 21.11
N CYS C 78 -1.82 -13.70 21.78
CA CYS C 78 -1.72 -13.66 23.24
C CYS C 78 -0.60 -12.74 23.71
N ARG C 79 0.51 -12.71 22.98
CA ARG C 79 1.58 -11.76 23.32
C ARG C 79 1.09 -10.32 23.17
N ALA C 80 0.44 -10.02 22.04
CA ALA C 80 -0.04 -8.66 21.80
C ALA C 80 -1.05 -8.24 22.86
N LEU C 81 -1.95 -9.13 23.25
CA LEU C 81 -2.91 -8.78 24.28
C LEU C 81 -2.37 -9.05 25.68
N ASP C 82 -1.16 -9.60 25.78
CA ASP C 82 -0.51 -9.91 27.05
C ASP C 82 -1.42 -10.79 27.92
N ILE C 83 -1.86 -11.89 27.34
CA ILE C 83 -2.61 -12.91 28.07
C ILE C 83 -1.81 -14.20 28.01
N GLU C 84 -1.86 -14.96 29.09
CA GLU C 84 -1.10 -16.20 29.19
C GLU C 84 -1.40 -17.09 27.99
N TYR C 85 -0.35 -17.56 27.34
CA TYR C 85 -0.53 -18.40 26.16
C TYR C 85 -0.82 -19.83 26.59
N ARG C 86 -1.87 -20.41 26.00
CA ARG C 86 -2.15 -21.82 26.12
C ARG C 86 -2.67 -22.30 24.77
N ASN C 87 -2.71 -23.62 24.60
CA ASN C 87 -3.17 -24.22 23.35
C ASN C 87 -3.68 -25.61 23.72
N ASN C 88 -5.00 -25.72 23.84
CA ASN C 88 -5.69 -26.96 24.20
C ASN C 88 -5.58 -27.22 25.69
N VAL C 89 -6.63 -26.88 26.43
CA VAL C 89 -6.70 -27.14 27.86
C VAL C 89 -7.99 -27.89 28.13
N LEU C 90 -7.88 -29.03 28.81
CA LEU C 90 -9.07 -29.77 29.24
C LEU C 90 -9.94 -28.88 30.08
N LEU C 91 -11.26 -28.93 29.81
CA LEU C 91 -12.21 -28.14 30.59
C LEU C 91 -12.11 -28.45 32.08
N ASP C 92 -11.77 -29.70 32.43
CA ASP C 92 -11.54 -30.05 33.83
C ASP C 92 -10.53 -29.10 34.47
N GLU C 93 -9.40 -28.90 33.80
CA GLU C 93 -8.34 -28.05 34.36
C GLU C 93 -8.75 -26.60 34.45
N ILE C 94 -9.57 -26.12 33.49
CA ILE C 94 -10.08 -24.76 33.59
C ILE C 94 -10.99 -24.62 34.80
N ILE C 95 -11.93 -25.55 34.96
CA ILE C 95 -12.82 -25.52 36.13
C ILE C 95 -12.01 -25.51 37.42
N LEU C 96 -11.03 -26.43 37.53
CA LEU C 96 -10.22 -26.51 38.74
C LEU C 96 -9.45 -25.21 38.98
N ASP C 97 -9.04 -24.52 37.92
CA ASP C 97 -8.20 -23.35 38.11
C ASP C 97 -9.01 -22.14 38.56
N VAL C 98 -10.22 -21.96 38.03
CA VAL C 98 -11.07 -20.83 38.43
C VAL C 98 -11.92 -21.13 39.67
N TYR C 99 -11.98 -22.38 40.09
CA TYR C 99 -12.81 -22.77 41.23
C TYR C 99 -12.17 -24.00 41.86
N PRO C 100 -11.09 -23.81 42.61
CA PRO C 100 -10.35 -24.98 43.12
C PRO C 100 -11.16 -25.83 44.08
N GLY C 101 -12.11 -25.23 44.81
CA GLY C 101 -12.88 -25.99 45.77
C GLY C 101 -14.00 -26.81 45.18
N VAL C 102 -14.11 -26.86 43.85
CA VAL C 102 -15.26 -27.50 43.22
C VAL C 102 -15.29 -28.98 43.56
N ASN C 103 -16.49 -29.51 43.80
CA ASN C 103 -16.68 -30.95 43.98
C ASN C 103 -16.74 -31.60 42.61
N LEU C 104 -15.57 -31.68 41.98
CA LEU C 104 -15.46 -32.14 40.59
C LEU C 104 -16.15 -33.48 40.35
N MET C 105 -16.11 -34.40 41.32
CA MET C 105 -16.79 -35.68 41.14
C MET C 105 -18.29 -35.52 40.94
N GLU C 106 -18.84 -34.39 41.36
CA GLU C 106 -20.29 -34.18 41.31
C GLU C 106 -20.80 -33.84 39.92
N TYR C 107 -19.94 -33.72 38.90
CA TYR C 107 -20.32 -33.16 37.61
C TYR C 107 -19.85 -34.06 36.47
N ASN C 108 -20.63 -34.07 35.38
CA ASN C 108 -20.25 -34.77 34.16
C ASN C 108 -19.63 -33.75 33.22
N VAL C 109 -18.31 -33.70 33.20
CA VAL C 109 -17.57 -32.67 32.47
C VAL C 109 -17.17 -33.26 31.11
N PRO C 110 -17.68 -32.72 30.01
CA PRO C 110 -17.23 -33.24 28.70
C PRO C 110 -15.73 -33.08 28.52
N HIS C 111 -15.14 -34.02 27.79
CA HIS C 111 -13.70 -33.98 27.49
C HIS C 111 -13.46 -33.17 26.20
N VAL C 112 -13.45 -31.86 26.37
CA VAL C 112 -13.17 -30.91 25.30
C VAL C 112 -11.93 -30.09 25.66
N THR C 113 -11.21 -29.65 24.63
CA THR C 113 -10.00 -28.87 24.84
C THR C 113 -10.08 -27.57 24.06
N PRO C 114 -10.69 -26.52 24.61
CA PRO C 114 -10.52 -25.18 24.04
C PRO C 114 -9.05 -24.77 24.04
N ASP C 115 -8.72 -23.82 23.15
CA ASP C 115 -7.36 -23.33 23.03
C ASP C 115 -6.89 -22.65 24.32
N ASN C 116 -7.74 -21.80 24.89
CA ASN C 116 -7.31 -20.92 25.98
C ASN C 116 -8.54 -20.44 26.76
N TYR C 117 -8.28 -19.63 27.77
CA TYR C 117 -9.35 -19.03 28.54
C TYR C 117 -8.77 -17.85 29.30
N ILE C 118 -9.67 -16.95 29.70
CA ILE C 118 -9.36 -15.81 30.53
C ILE C 118 -10.32 -15.82 31.70
N TRP C 119 -9.82 -15.58 32.90
CA TRP C 119 -10.65 -15.47 34.08
C TRP C 119 -10.47 -14.07 34.63
N THR C 120 -11.50 -13.24 34.51
CA THR C 120 -11.45 -11.89 35.07
C THR C 120 -11.77 -11.86 36.56
N GLY C 121 -12.59 -12.79 37.04
CA GLY C 121 -12.93 -12.82 38.45
C GLY C 121 -14.43 -12.91 38.67
N ASP C 122 -15.17 -12.83 37.56
CA ASP C 122 -16.63 -12.93 37.56
C ASP C 122 -17.12 -13.58 36.28
N MET C 123 -16.28 -13.56 35.24
CA MET C 123 -16.65 -14.03 33.92
C MET C 123 -15.54 -14.94 33.40
N LEU C 124 -15.92 -16.11 32.93
CA LEU C 124 -14.96 -17.04 32.33
C LEU C 124 -15.13 -16.94 30.82
N LEU C 125 -14.11 -16.43 30.14
CA LEU C 125 -14.09 -16.32 28.69
C LEU C 125 -13.33 -17.50 28.09
N ILE C 126 -14.01 -18.33 27.32
CA ILE C 126 -13.39 -19.48 26.65
C ILE C 126 -12.98 -19.07 25.24
N LEU C 127 -11.69 -19.21 24.93
CA LEU C 127 -11.14 -18.73 23.66
C LEU C 127 -10.76 -19.90 22.79
N ASP C 128 -11.06 -19.78 21.50
CA ASP C 128 -10.43 -20.64 20.51
C ASP C 128 -9.89 -19.77 19.37
N TYR C 129 -8.64 -20.03 18.96
CA TYR C 129 -8.05 -19.36 17.81
C TYR C 129 -8.49 -20.02 16.50
N LYS C 130 -8.55 -19.23 15.43
CA LYS C 130 -8.86 -19.74 14.10
C LYS C 130 -8.03 -19.02 13.07
N VAL C 131 -7.64 -19.73 12.01
CA VAL C 131 -7.03 -19.11 10.85
C VAL C 131 -7.77 -19.65 9.63
N SER C 132 -8.51 -18.78 8.96
CA SER C 132 -9.38 -19.22 7.89
C SER C 132 -9.82 -18.01 7.08
N VAL C 133 -10.08 -18.21 5.78
CA VAL C 133 -10.63 -17.12 4.99
C VAL C 133 -12.15 -17.02 5.12
N GLY C 134 -12.81 -18.11 5.55
CA GLY C 134 -14.24 -18.12 5.70
C GLY C 134 -14.67 -18.22 7.16
N HIS C 135 -15.98 -18.13 7.38
CA HIS C 135 -16.57 -18.16 8.71
C HIS C 135 -17.00 -19.55 9.15
N ASP C 136 -17.00 -20.54 8.25
CA ASP C 136 -17.66 -21.81 8.55
C ASP C 136 -17.02 -22.50 9.75
N SER C 137 -15.69 -22.63 9.74
CA SER C 137 -15.03 -23.32 10.85
C SER C 137 -15.33 -22.63 12.17
N THR C 138 -15.46 -21.31 12.16
CA THR C 138 -15.78 -20.55 13.37
C THR C 138 -17.17 -20.90 13.87
N GLU C 139 -18.16 -20.90 12.96
CA GLU C 139 -19.53 -21.21 13.36
C GLU C 139 -19.63 -22.62 13.92
N VAL C 140 -18.89 -23.56 13.35
CA VAL C 140 -18.95 -24.94 13.81
C VAL C 140 -18.44 -25.04 15.24
N THR C 141 -17.26 -24.48 15.51
CA THR C 141 -16.68 -24.56 16.84
C THR C 141 -17.51 -23.78 17.85
N TYR C 142 -18.09 -22.66 17.43
CA TYR C 142 -18.95 -21.87 18.31
C TYR C 142 -20.13 -22.69 18.84
N LYS C 143 -20.75 -23.49 17.97
CA LYS C 143 -21.91 -24.27 18.38
C LYS C 143 -21.49 -25.44 19.26
N LYS C 144 -20.38 -26.09 18.91
CA LYS C 144 -19.87 -27.21 19.71
C LYS C 144 -19.62 -26.78 21.15
N TYR C 145 -18.84 -25.71 21.35
CA TYR C 145 -18.55 -25.23 22.69
C TYR C 145 -19.80 -24.74 23.41
N THR C 146 -20.67 -24.00 22.70
CA THR C 146 -21.97 -23.61 23.26
C THR C 146 -22.75 -24.83 23.75
N THR C 147 -22.75 -25.91 22.98
CA THR C 147 -23.42 -27.15 23.33
C THR C 147 -22.72 -27.89 24.49
N LEU C 148 -21.38 -28.03 24.42
CA LEU C 148 -20.65 -28.93 25.32
C LEU C 148 -20.04 -28.26 26.55
N ILE C 149 -19.78 -26.95 26.50
CA ILE C 149 -19.15 -26.29 27.65
C ILE C 149 -20.18 -25.60 28.54
N LEU C 150 -21.02 -24.75 27.95
CA LEU C 150 -21.91 -23.91 28.75
C LEU C 150 -22.79 -24.66 29.75
N PRO C 151 -23.37 -25.82 29.45
CA PRO C 151 -24.26 -26.45 30.46
C PRO C 151 -23.56 -26.82 31.76
N VAL C 152 -22.43 -27.53 31.70
CA VAL C 152 -21.74 -27.90 32.93
C VAL C 152 -21.32 -26.66 33.70
N MET C 153 -20.91 -25.60 33.01
CA MET C 153 -20.51 -24.40 33.73
C MET C 153 -21.71 -23.71 34.37
N GLN C 154 -22.91 -23.97 33.85
CA GLN C 154 -24.10 -23.45 34.50
C GLN C 154 -24.45 -24.24 35.75
N GLU C 155 -24.32 -25.57 35.71
CA GLU C 155 -24.53 -26.35 36.93
C GLU C 155 -23.53 -25.97 38.00
N ILE C 156 -22.26 -25.78 37.62
CA ILE C 156 -21.23 -25.45 38.59
C ILE C 156 -21.43 -24.04 39.14
N GLY C 157 -22.00 -23.15 38.33
CA GLY C 157 -22.22 -21.77 38.73
C GLY C 157 -21.18 -20.78 38.27
N ILE C 158 -20.53 -21.01 37.13
CA ILE C 158 -19.46 -20.16 36.64
C ILE C 158 -19.94 -19.45 35.37
N ASN C 159 -20.03 -18.13 35.46
CA ASN C 159 -20.43 -17.30 34.34
C ASN C 159 -19.44 -17.42 33.19
N THR C 160 -19.88 -17.98 32.06
CA THR C 160 -18.99 -18.28 30.94
C THR C 160 -19.53 -17.67 29.65
N GLU C 161 -18.60 -17.29 28.78
CA GLU C 161 -18.90 -16.88 27.42
C GLU C 161 -17.91 -17.59 26.50
N ILE C 162 -18.40 -18.06 25.36
CA ILE C 162 -17.54 -18.63 24.33
C ILE C 162 -17.06 -17.51 23.40
N CYS C 163 -15.76 -17.48 23.12
CA CYS C 163 -15.17 -16.45 22.28
C CYS C 163 -14.26 -17.08 21.24
N ILE C 164 -14.40 -16.66 19.99
CA ILE C 164 -13.57 -17.17 18.92
C ILE C 164 -12.93 -16.00 18.21
N ILE C 165 -11.61 -16.08 18.04
CA ILE C 165 -10.82 -15.06 17.39
C ILE C 165 -10.25 -15.66 16.11
N ARG C 166 -10.65 -15.11 14.97
CA ARG C 166 -10.24 -15.61 13.67
C ARG C 166 -9.36 -14.59 12.97
N ALA C 167 -8.19 -15.02 12.52
CA ALA C 167 -7.36 -14.23 11.62
C ALA C 167 -7.58 -14.73 10.20
N ASN C 168 -7.84 -13.81 9.29
CA ASN C 168 -7.82 -14.16 7.87
C ASN C 168 -6.37 -14.30 7.44
N PRO C 169 -5.92 -15.48 6.98
CA PRO C 169 -4.50 -15.62 6.63
C PRO C 169 -4.10 -14.91 5.35
N VAL C 170 -5.04 -14.47 4.52
CA VAL C 170 -4.67 -13.75 3.29
C VAL C 170 -4.62 -12.25 3.54
N THR C 171 -5.59 -11.70 4.29
CA THR C 171 -5.63 -10.26 4.50
C THR C 171 -5.10 -9.80 5.85
N ASN C 172 -4.95 -10.71 6.82
CA ASN C 172 -4.58 -10.39 8.19
C ASN C 172 -5.69 -9.69 8.96
N GLN C 173 -6.93 -9.80 8.51
CA GLN C 173 -8.06 -9.25 9.26
C GLN C 173 -8.43 -10.18 10.41
N ILE C 174 -8.53 -9.63 11.59
CA ILE C 174 -9.05 -10.33 12.76
C ILE C 174 -10.56 -10.16 12.80
N SER C 175 -11.29 -11.23 13.10
CA SER C 175 -12.70 -11.16 13.42
C SER C 175 -12.94 -11.80 14.79
N ILE C 176 -13.81 -11.20 15.59
CA ILE C 176 -14.04 -11.66 16.94
C ILE C 176 -15.52 -11.99 17.11
N VAL C 177 -15.77 -13.13 17.77
CA VAL C 177 -17.09 -13.51 18.27
C VAL C 177 -16.97 -13.58 19.78
N GLY C 178 -17.85 -12.87 20.48
CA GLY C 178 -17.76 -12.81 21.93
C GLY C 178 -17.81 -11.37 22.41
N GLU C 179 -18.97 -10.94 22.91
CA GLU C 179 -19.17 -9.52 23.18
C GLU C 179 -18.37 -9.06 24.38
N GLN C 180 -18.18 -9.93 25.38
CA GLN C 180 -17.35 -9.58 26.53
C GLN C 180 -15.89 -9.42 26.13
N PHE C 181 -15.36 -10.33 25.29
CA PHE C 181 -13.98 -10.23 24.84
C PHE C 181 -13.73 -8.93 24.09
N LYS C 182 -14.68 -8.51 23.26
CA LYS C 182 -14.53 -7.25 22.55
C LYS C 182 -14.34 -6.10 23.53
N ARG C 183 -15.18 -6.03 24.56
CA ARG C 183 -15.11 -4.93 25.52
C ARG C 183 -13.75 -4.88 26.22
N LEU C 184 -13.21 -6.04 26.56
CA LEU C 184 -11.91 -6.09 27.24
C LEU C 184 -10.77 -5.74 26.29
N PHE C 185 -10.92 -5.98 24.99
CA PHE C 185 -9.88 -5.70 24.01
C PHE C 185 -10.51 -5.05 22.78
N PRO C 186 -10.77 -3.74 22.84
CA PRO C 186 -11.23 -3.04 21.64
C PRO C 186 -10.12 -2.91 20.60
N THR C 187 -8.86 -2.92 21.02
CA THR C 187 -7.72 -2.82 20.12
C THR C 187 -6.82 -4.04 20.30
N ILE C 188 -6.36 -4.61 19.20
CA ILE C 188 -5.48 -5.78 19.20
C ILE C 188 -4.25 -5.50 18.34
N PRO C 189 -3.13 -5.10 18.93
CA PRO C 189 -1.93 -4.74 18.15
C PRO C 189 -1.09 -5.95 17.73
N VAL C 190 -1.68 -6.84 16.93
CA VAL C 190 -0.87 -7.92 16.35
C VAL C 190 -0.20 -7.45 15.08
N GLU C 191 0.95 -8.04 14.79
CA GLU C 191 1.62 -7.90 13.50
C GLU C 191 1.73 -9.32 12.92
N LEU C 192 0.91 -9.64 11.93
CA LEU C 192 0.82 -10.99 11.39
C LEU C 192 1.44 -11.08 9.99
N ASN C 193 2.17 -12.17 9.75
CA ASN C 193 2.67 -12.48 8.42
C ASN C 193 2.61 -13.99 8.20
N PHE C 194 1.67 -14.46 7.40
CA PHE C 194 1.51 -15.88 7.13
C PHE C 194 2.20 -16.36 5.85
N ALA C 195 2.92 -15.47 5.15
CA ALA C 195 3.37 -15.81 3.80
C ALA C 195 4.26 -17.05 3.79
N ARG C 196 5.07 -17.25 4.85
CA ARG C 196 5.94 -18.42 4.87
C ARG C 196 5.14 -19.70 4.93
N PHE C 197 4.02 -19.70 5.69
CA PHE C 197 3.18 -20.90 5.76
C PHE C 197 2.61 -21.24 4.41
N PHE C 198 2.16 -20.24 3.65
CA PHE C 198 1.73 -20.45 2.27
C PHE C 198 2.89 -20.93 1.41
N GLU C 199 4.07 -20.33 1.57
CA GLU C 199 5.24 -20.73 0.79
C GLU C 199 5.50 -22.23 0.92
N LEU C 200 5.55 -22.73 2.16
CA LEU C 200 5.88 -24.13 2.40
C LEU C 200 4.80 -25.05 1.89
N ARG C 201 3.54 -24.67 2.09
CA ARG C 201 2.46 -25.54 1.68
C ARG C 201 2.31 -25.55 0.16
N LYS C 202 2.66 -24.44 -0.50
CA LYS C 202 2.71 -24.45 -1.96
C LYS C 202 3.81 -25.36 -2.47
N MET C 203 5.00 -25.30 -1.86
CA MET C 203 6.08 -26.23 -2.24
C MET C 203 5.60 -27.67 -2.15
N LEU C 204 4.96 -28.03 -1.04
CA LEU C 204 4.54 -29.40 -0.85
C LEU C 204 3.45 -29.79 -1.82
N LEU C 205 2.55 -28.86 -2.14
CA LEU C 205 1.50 -29.16 -3.10
C LEU C 205 2.06 -29.27 -4.51
N ASP C 206 3.09 -28.48 -4.83
CA ASP C 206 3.68 -28.58 -6.15
C ASP C 206 4.40 -29.90 -6.32
N LYS C 207 5.05 -30.41 -5.26
CA LYS C 207 5.79 -31.66 -5.36
C LYS C 207 4.85 -32.82 -5.64
N PHE C 208 3.60 -32.71 -5.21
CA PHE C 208 2.60 -33.76 -5.35
C PHE C 208 1.45 -33.31 -6.24
N ALA C 209 1.74 -32.38 -7.16
CA ALA C 209 0.71 -31.87 -8.05
C ALA C 209 0.14 -32.96 -8.95
N ASP C 210 0.97 -33.94 -9.32
CA ASP C 210 0.49 -35.03 -10.15
C ASP C 210 -0.23 -36.09 -9.34
N ASP C 211 0.23 -36.34 -8.12
CA ASP C 211 -0.23 -37.48 -7.32
C ASP C 211 -1.73 -37.40 -7.06
N GLU C 212 -2.46 -38.44 -7.47
CA GLU C 212 -3.90 -38.47 -7.30
C GLU C 212 -4.33 -38.99 -5.92
N GLU C 213 -3.52 -39.85 -5.29
CA GLU C 213 -3.86 -40.25 -3.93
C GLU C 213 -3.73 -39.09 -2.96
N PHE C 214 -2.81 -38.17 -3.23
CA PHE C 214 -2.59 -37.03 -2.34
C PHE C 214 -3.58 -35.90 -2.59
N LEU C 215 -3.90 -35.61 -3.85
CA LEU C 215 -4.88 -34.58 -4.14
C LEU C 215 -6.28 -34.97 -3.68
N MET C 216 -6.48 -36.21 -3.24
CA MET C 216 -7.70 -36.62 -2.58
C MET C 216 -7.43 -36.84 -1.09
N MET C 217 -6.78 -35.87 -0.46
CA MET C 217 -6.40 -35.96 0.94
C MET C 217 -6.01 -34.58 1.47
N ASP D 39 -17.64 28.77 32.00
CA ASP D 39 -17.29 29.12 30.63
C ASP D 39 -18.46 28.86 29.69
N PRO D 40 -18.61 29.67 28.63
CA PRO D 40 -19.71 29.42 27.68
C PRO D 40 -19.57 28.10 26.94
N MET D 41 -18.35 27.57 26.80
CA MET D 41 -18.17 26.27 26.18
C MET D 41 -18.75 25.17 27.05
N TYR D 42 -18.40 25.18 28.34
CA TYR D 42 -18.98 24.21 29.26
C TYR D 42 -20.51 24.29 29.27
N GLU D 43 -21.05 25.49 29.48
CA GLU D 43 -22.51 25.63 29.60
C GLU D 43 -23.21 25.16 28.34
N GLN D 44 -22.59 25.34 27.18
CA GLN D 44 -23.20 24.87 25.94
C GLN D 44 -23.27 23.35 25.93
N PHE D 45 -22.17 22.68 26.27
CA PHE D 45 -22.17 21.21 26.29
C PHE D 45 -23.16 20.69 27.31
N LEU D 46 -23.22 21.33 28.48
CA LEU D 46 -24.12 20.87 29.54
C LEU D 46 -25.58 20.95 29.10
N GLN D 47 -25.95 22.05 28.44
CA GLN D 47 -27.33 22.18 27.97
C GLN D 47 -27.66 21.11 26.94
N ARG D 48 -26.76 20.83 25.99
CA ARG D 48 -27.02 19.74 25.06
C ARG D 48 -27.18 18.42 25.82
N ILE D 49 -26.35 18.21 26.84
CA ILE D 49 -26.46 16.99 27.62
C ILE D 49 -27.79 16.95 28.37
N GLN D 50 -28.18 18.06 28.97
CA GLN D 50 -29.49 18.12 29.63
C GLN D 50 -30.62 17.76 28.67
N ALA D 51 -30.49 18.14 27.40
CA ALA D 51 -31.59 18.03 26.46
C ALA D 51 -31.65 16.68 25.73
N VAL D 52 -30.52 15.98 25.61
CA VAL D 52 -30.44 14.87 24.68
C VAL D 52 -31.22 13.66 25.19
N ARG D 53 -31.90 12.98 24.26
CA ARG D 53 -32.73 11.83 24.56
C ARG D 53 -32.23 10.53 23.95
N THR D 54 -31.31 10.58 22.98
CA THR D 54 -31.00 9.45 22.10
C THR D 54 -29.51 9.12 22.10
N ALA D 55 -29.22 7.92 21.60
CA ALA D 55 -27.84 7.51 21.41
C ALA D 55 -27.18 8.26 20.27
N THR D 56 -27.90 8.45 19.16
CA THR D 56 -27.32 9.11 17.99
C THR D 56 -26.76 10.48 18.35
N VAL D 57 -27.63 11.35 18.87
CA VAL D 57 -27.19 12.70 19.20
C VAL D 57 -26.18 12.69 20.34
N ALA D 58 -26.25 11.71 21.23
CA ALA D 58 -25.28 11.63 22.30
C ALA D 58 -23.90 11.27 21.76
N LYS D 59 -23.84 10.46 20.70
CA LYS D 59 -22.55 10.23 20.06
C LYS D 59 -21.98 11.52 19.49
N ASP D 60 -22.82 12.37 18.90
CA ASP D 60 -22.34 13.64 18.38
C ASP D 60 -21.77 14.51 19.49
N ILE D 61 -22.46 14.56 20.63
CA ILE D 61 -21.95 15.39 21.73
C ILE D 61 -20.62 14.86 22.22
N SER D 62 -20.48 13.54 22.29
CA SER D 62 -19.21 12.95 22.69
C SER D 62 -18.10 13.38 21.77
N ALA D 63 -18.30 13.23 20.45
CA ALA D 63 -17.29 13.66 19.48
C ALA D 63 -16.92 15.12 19.67
N ASP D 64 -17.92 15.99 19.83
CA ASP D 64 -17.65 17.41 19.98
C ASP D 64 -16.88 17.72 21.25
N ILE D 65 -17.13 16.98 22.34
CA ILE D 65 -16.38 17.21 23.56
C ILE D 65 -14.91 16.88 23.34
N LEU D 66 -14.65 15.74 22.68
CA LEU D 66 -13.28 15.34 22.36
C LEU D 66 -12.58 16.37 21.47
N GLU D 67 -13.28 16.94 20.49
CA GLU D 67 -12.65 17.96 19.67
C GLU D 67 -12.35 19.22 20.48
N ALA D 68 -13.31 19.65 21.31
CA ALA D 68 -13.09 20.83 22.14
C ALA D 68 -11.92 20.63 23.10
N ARG D 69 -11.74 19.40 23.59
CA ARG D 69 -10.61 19.09 24.44
C ARG D 69 -9.31 19.18 23.66
N HIS D 70 -9.32 18.64 22.45
CA HIS D 70 -8.20 18.85 21.52
C HIS D 70 -7.92 20.33 21.33
N ASP D 71 -8.95 21.12 21.02
CA ASP D 71 -8.72 22.55 20.73
C ASP D 71 -8.28 23.32 21.95
N TYR D 72 -8.83 23.01 23.13
CA TYR D 72 -8.31 23.61 24.36
C TYR D 72 -6.81 23.35 24.53
N PHE D 73 -6.37 22.12 24.27
CA PHE D 73 -4.93 21.86 24.38
C PHE D 73 -4.14 22.71 23.39
N GLY D 74 -4.61 22.79 22.15
CA GLY D 74 -3.87 23.54 21.14
C GLY D 74 -3.71 25.01 21.53
N ARG D 75 -4.82 25.63 21.93
CA ARG D 75 -4.77 27.02 22.40
C ARG D 75 -3.80 27.15 23.57
N GLU D 76 -3.87 26.23 24.52
CA GLU D 76 -3.00 26.30 25.69
C GLU D 76 -1.54 26.03 25.31
N LEU D 77 -1.31 25.08 24.41
CA LEU D 77 0.05 24.82 23.98
C LEU D 77 0.66 26.06 23.33
N CYS D 78 -0.04 26.67 22.37
CA CYS D 78 0.52 27.84 21.70
C CYS D 78 0.71 29.00 22.67
N ARG D 79 -0.25 29.19 23.59
CA ARG D 79 -0.17 30.29 24.54
C ARG D 79 1.07 30.15 25.42
N ALA D 80 1.38 28.92 25.82
CA ALA D 80 2.57 28.72 26.64
C ALA D 80 3.84 28.96 25.84
N LEU D 81 3.85 28.57 24.56
CA LEU D 81 5.04 28.68 23.74
C LEU D 81 5.17 30.03 23.03
N ASP D 82 4.18 30.91 23.19
CA ASP D 82 4.21 32.24 22.59
C ASP D 82 4.35 32.16 21.07
N ILE D 83 3.59 31.27 20.45
CA ILE D 83 3.50 31.13 19.00
C ILE D 83 2.05 31.37 18.60
N GLU D 84 1.85 31.70 17.33
CA GLU D 84 0.52 32.04 16.85
C GLU D 84 -0.39 30.81 16.81
N TYR D 85 -1.55 30.93 17.43
CA TYR D 85 -2.53 29.85 17.43
C TYR D 85 -3.26 29.76 16.10
N ARG D 86 -3.23 28.57 15.49
CA ARG D 86 -4.11 28.25 14.39
C ARG D 86 -4.64 26.84 14.63
N ASN D 87 -5.67 26.49 13.85
CA ASN D 87 -6.27 25.16 13.93
C ASN D 87 -6.80 24.83 12.55
N ASN D 88 -6.13 23.89 11.88
CA ASN D 88 -6.49 23.42 10.55
C ASN D 88 -6.24 24.53 9.54
N VAL D 89 -5.09 24.43 8.86
CA VAL D 89 -4.64 25.37 7.86
C VAL D 89 -4.34 24.58 6.60
N LEU D 90 -4.99 24.95 5.50
CA LEU D 90 -4.77 24.28 4.22
C LEU D 90 -3.29 24.28 3.89
N LEU D 91 -2.77 23.09 3.55
CA LEU D 91 -1.36 22.95 3.16
C LEU D 91 -1.00 23.96 2.08
N ASP D 92 -1.86 24.11 1.07
CA ASP D 92 -1.71 25.17 0.08
C ASP D 92 -1.47 26.52 0.75
N GLU D 93 -2.27 26.84 1.78
CA GLU D 93 -2.09 28.13 2.42
C GLU D 93 -0.76 28.21 3.17
N ILE D 94 -0.32 27.09 3.76
CA ILE D 94 0.95 27.10 4.47
C ILE D 94 2.08 27.41 3.50
N ILE D 95 2.10 26.71 2.36
CA ILE D 95 3.18 26.88 1.39
C ILE D 95 3.25 28.32 0.91
N LEU D 96 2.10 28.88 0.54
CA LEU D 96 2.09 30.25 0.03
C LEU D 96 2.56 31.22 1.10
N ASP D 97 2.25 30.93 2.37
CA ASP D 97 2.65 31.83 3.43
C ASP D 97 4.17 31.85 3.58
N VAL D 98 4.80 30.67 3.52
CA VAL D 98 6.24 30.56 3.69
C VAL D 98 6.97 30.93 2.39
N TYR D 99 6.32 30.77 1.25
CA TYR D 99 6.97 30.94 -0.06
C TYR D 99 5.92 31.43 -1.04
N PRO D 100 5.58 32.72 -1.00
CA PRO D 100 4.53 33.22 -1.88
C PRO D 100 4.87 33.15 -3.36
N GLY D 101 6.16 33.19 -3.71
CA GLY D 101 6.55 33.16 -5.10
C GLY D 101 6.46 31.79 -5.77
N VAL D 102 6.15 30.74 -5.00
CA VAL D 102 6.15 29.39 -5.56
C VAL D 102 5.19 29.27 -6.74
N ASN D 103 5.60 28.51 -7.75
CA ASN D 103 4.77 28.27 -8.93
C ASN D 103 3.78 27.14 -8.60
N LEU D 104 2.82 27.50 -7.74
CA LEU D 104 1.98 26.51 -7.07
C LEU D 104 1.36 25.52 -8.03
N MET D 105 0.95 25.99 -9.21
CA MET D 105 0.25 25.15 -10.16
C MET D 105 1.12 24.03 -10.73
N GLU D 106 2.44 24.09 -10.54
CA GLU D 106 3.33 23.02 -10.97
C GLU D 106 3.22 21.75 -10.13
N TYR D 107 2.68 21.80 -8.91
CA TYR D 107 2.77 20.64 -8.03
C TYR D 107 1.40 20.11 -7.61
N ASN D 108 1.34 18.79 -7.43
CA ASN D 108 0.16 18.14 -6.85
C ASN D 108 0.23 18.25 -5.34
N VAL D 109 -0.46 19.22 -4.77
CA VAL D 109 -0.46 19.45 -3.33
C VAL D 109 -1.67 18.75 -2.73
N PRO D 110 -1.48 17.78 -1.85
CA PRO D 110 -2.63 17.22 -1.13
C PRO D 110 -3.32 18.30 -0.31
N HIS D 111 -4.65 18.21 -0.23
CA HIS D 111 -5.46 19.27 0.39
C HIS D 111 -5.76 18.98 1.86
N VAL D 112 -4.67 18.74 2.55
CA VAL D 112 -4.57 18.31 3.93
C VAL D 112 -4.52 19.57 4.80
N THR D 113 -5.10 19.53 6.01
CA THR D 113 -5.18 20.70 6.87
C THR D 113 -4.58 20.41 8.24
N PRO D 114 -3.25 20.39 8.36
CA PRO D 114 -2.65 20.25 9.70
C PRO D 114 -3.04 21.43 10.59
N ASP D 115 -2.90 21.20 11.90
CA ASP D 115 -3.43 22.16 12.87
C ASP D 115 -2.70 23.49 12.80
N ASN D 116 -1.37 23.47 12.76
CA ASN D 116 -0.58 24.68 12.89
C ASN D 116 0.78 24.43 12.26
N TYR D 117 1.64 25.45 12.31
CA TYR D 117 2.98 25.35 11.76
C TYR D 117 3.84 26.46 12.34
N ILE D 118 5.16 26.24 12.30
CA ILE D 118 6.14 27.28 12.62
C ILE D 118 7.13 27.38 11.46
N TRP D 119 7.33 28.58 10.95
CA TRP D 119 8.36 28.87 9.96
C TRP D 119 9.53 29.54 10.65
N THR D 120 10.67 28.87 10.71
CA THR D 120 11.85 29.37 11.42
C THR D 120 12.73 30.26 10.54
N GLY D 121 12.43 30.35 9.24
CA GLY D 121 13.26 31.02 8.28
C GLY D 121 14.16 30.05 7.53
N ASP D 122 14.53 28.94 8.17
CA ASP D 122 15.29 27.90 7.50
C ASP D 122 14.56 26.56 7.47
N MET D 123 13.42 26.44 8.16
CA MET D 123 12.78 25.15 8.33
C MET D 123 11.30 25.34 8.66
N LEU D 124 10.45 24.49 8.09
CA LEU D 124 9.01 24.54 8.32
C LEU D 124 8.63 23.37 9.22
N LEU D 125 8.18 23.68 10.43
CA LEU D 125 7.65 22.70 11.37
C LEU D 125 6.14 22.63 11.22
N ILE D 126 5.63 21.53 10.68
CA ILE D 126 4.20 21.25 10.67
C ILE D 126 3.79 20.73 12.04
N LEU D 127 2.78 21.36 12.66
CA LEU D 127 2.37 21.00 14.01
C LEU D 127 0.99 20.34 13.99
N ASP D 128 0.85 19.29 14.77
CA ASP D 128 -0.47 18.73 15.01
C ASP D 128 -0.63 18.43 16.49
N TYR D 129 -1.73 18.94 17.07
CA TYR D 129 -2.10 18.68 18.45
C TYR D 129 -2.81 17.34 18.57
N LYS D 130 -2.62 16.68 19.71
CA LYS D 130 -3.30 15.44 20.04
C LYS D 130 -3.58 15.42 21.55
N VAL D 131 -4.73 14.89 21.93
CA VAL D 131 -5.02 14.58 23.32
C VAL D 131 -5.46 13.13 23.36
N SER D 132 -4.64 12.27 23.97
CA SER D 132 -4.89 10.83 24.00
C SER D 132 -4.04 10.22 25.11
N VAL D 133 -4.54 9.13 25.70
CA VAL D 133 -3.73 8.39 26.68
C VAL D 133 -2.70 7.48 25.98
N GLY D 134 -2.98 7.02 24.76
CA GLY D 134 -2.04 6.21 24.02
C GLY D 134 -1.43 6.97 22.83
N HIS D 135 -0.60 6.27 22.08
CA HIS D 135 0.11 6.92 20.98
C HIS D 135 -0.34 6.45 19.61
N ASP D 136 -1.39 5.62 19.54
CA ASP D 136 -1.77 5.02 18.26
C ASP D 136 -2.22 6.07 17.26
N SER D 137 -3.06 7.02 17.69
CA SER D 137 -3.55 8.04 16.80
C SER D 137 -2.41 8.96 16.36
N THR D 138 -1.46 9.23 17.25
CA THR D 138 -0.25 9.95 16.86
C THR D 138 0.43 9.28 15.69
N GLU D 139 0.57 7.95 15.78
CA GLU D 139 1.24 7.18 14.73
C GLU D 139 0.47 7.29 13.41
N VAL D 140 -0.86 7.18 13.46
CA VAL D 140 -1.66 7.29 12.24
C VAL D 140 -1.39 8.63 11.56
N THR D 141 -1.50 9.73 12.31
CA THR D 141 -1.29 11.04 11.72
C THR D 141 0.17 11.25 11.31
N TYR D 142 1.11 10.66 12.05
CA TYR D 142 2.53 10.80 11.68
C TYR D 142 2.79 10.16 10.31
N LYS D 143 2.34 8.91 10.12
CA LYS D 143 2.45 8.25 8.83
C LYS D 143 1.79 9.05 7.72
N LYS D 144 0.52 9.41 7.91
CA LYS D 144 -0.22 10.12 6.87
C LYS D 144 0.53 11.36 6.40
N TYR D 145 0.97 12.20 7.35
CA TYR D 145 1.62 13.45 6.97
C TYR D 145 2.99 13.21 6.35
N THR D 146 3.73 12.23 6.87
CA THR D 146 4.99 11.81 6.24
C THR D 146 4.76 11.45 4.78
N THR D 147 3.67 10.74 4.50
CA THR D 147 3.39 10.28 3.14
C THR D 147 2.88 11.42 2.25
N LEU D 148 2.01 12.26 2.78
CA LEU D 148 1.33 13.23 1.94
C LEU D 148 1.97 14.60 1.91
N ILE D 149 2.76 14.98 2.90
CA ILE D 149 3.29 16.36 2.97
C ILE D 149 4.75 16.44 2.55
N LEU D 150 5.59 15.61 3.15
CA LEU D 150 7.02 15.73 2.92
C LEU D 150 7.42 15.63 1.46
N PRO D 151 6.87 14.73 0.65
CA PRO D 151 7.37 14.63 -0.72
C PRO D 151 7.10 15.89 -1.55
N VAL D 152 5.92 16.50 -1.42
CA VAL D 152 5.69 17.74 -2.16
C VAL D 152 6.55 18.85 -1.59
N MET D 153 6.73 18.90 -0.27
CA MET D 153 7.57 19.95 0.28
C MET D 153 9.01 19.79 -0.21
N GLN D 154 9.40 18.57 -0.57
CA GLN D 154 10.73 18.31 -1.06
C GLN D 154 10.90 18.76 -2.51
N GLU D 155 9.89 18.53 -3.35
CA GLU D 155 9.91 19.09 -4.69
C GLU D 155 10.06 20.60 -4.64
N ILE D 156 9.24 21.25 -3.80
CA ILE D 156 9.27 22.71 -3.71
C ILE D 156 10.60 23.19 -3.12
N GLY D 157 11.28 22.34 -2.37
CA GLY D 157 12.51 22.74 -1.73
C GLY D 157 12.34 23.46 -0.42
N ILE D 158 11.29 23.16 0.32
CA ILE D 158 11.10 23.70 1.66
C ILE D 158 11.45 22.60 2.65
N ASN D 159 12.47 22.84 3.47
CA ASN D 159 12.88 21.86 4.48
C ASN D 159 11.78 21.72 5.54
N THR D 160 11.15 20.54 5.62
CA THR D 160 9.96 20.34 6.44
C THR D 160 10.09 19.17 7.41
N GLU D 161 9.55 19.37 8.60
CA GLU D 161 9.52 18.33 9.63
C GLU D 161 8.10 18.20 10.20
N ILE D 162 7.62 16.97 10.27
CA ILE D 162 6.32 16.68 10.87
C ILE D 162 6.48 16.62 12.38
N CYS D 163 5.75 17.47 13.11
CA CYS D 163 5.80 17.54 14.57
C CYS D 163 4.43 17.25 15.16
N ILE D 164 4.39 16.36 16.13
CA ILE D 164 3.13 15.99 16.77
C ILE D 164 3.30 16.11 18.27
N ILE D 165 2.45 16.92 18.90
CA ILE D 165 2.49 17.18 20.34
C ILE D 165 1.23 16.57 20.95
N ARG D 166 1.43 15.65 21.89
CA ARG D 166 0.33 14.90 22.47
C ARG D 166 0.25 15.19 23.95
N ALA D 167 -0.94 15.52 24.42
CA ALA D 167 -1.19 15.66 25.84
C ALA D 167 -1.95 14.43 26.32
N ASN D 168 -1.40 13.74 27.31
CA ASN D 168 -2.16 12.73 28.06
C ASN D 168 -3.19 13.48 28.91
N PRO D 169 -4.49 13.31 28.69
CA PRO D 169 -5.47 14.12 29.43
C PRO D 169 -5.73 13.65 30.85
N VAL D 170 -5.28 12.45 31.22
CA VAL D 170 -5.39 12.01 32.62
C VAL D 170 -4.24 12.54 33.45
N THR D 171 -3.01 12.37 32.96
CA THR D 171 -1.83 12.74 33.73
C THR D 171 -1.30 14.13 33.42
N ASN D 172 -1.73 14.76 32.33
CA ASN D 172 -1.18 16.03 31.85
C ASN D 172 0.26 15.92 31.35
N GLN D 173 0.76 14.73 31.00
CA GLN D 173 2.11 14.62 30.48
C GLN D 173 2.16 14.93 28.98
N ILE D 174 3.09 15.78 28.56
CA ILE D 174 3.28 16.10 27.14
C ILE D 174 4.28 15.13 26.50
N SER D 175 3.92 14.59 25.34
CA SER D 175 4.85 13.85 24.50
C SER D 175 5.09 14.60 23.21
N ILE D 176 6.32 14.55 22.70
CA ILE D 176 6.67 15.27 21.48
C ILE D 176 7.30 14.30 20.49
N VAL D 177 6.78 14.29 19.27
CA VAL D 177 7.42 13.64 18.13
C VAL D 177 7.90 14.75 17.20
N GLY D 178 9.21 14.79 16.95
CA GLY D 178 9.81 15.81 16.11
C GLY D 178 11.08 16.40 16.70
N GLU D 179 12.25 15.92 16.23
CA GLU D 179 13.52 16.28 16.87
C GLU D 179 13.75 17.79 16.89
N GLN D 180 13.41 18.48 15.79
CA GLN D 180 13.60 19.93 15.75
C GLN D 180 12.72 20.65 16.77
N PHE D 181 11.45 20.28 16.86
CA PHE D 181 10.54 20.97 17.79
C PHE D 181 11.06 20.93 19.22
N LYS D 182 11.49 19.74 19.68
CA LYS D 182 12.08 19.63 21.01
C LYS D 182 13.29 20.54 21.14
N ARG D 183 14.14 20.58 20.09
CA ARG D 183 15.31 21.45 20.09
C ARG D 183 14.92 22.91 20.28
N LEU D 184 13.86 23.34 19.61
CA LEU D 184 13.39 24.72 19.76
C LEU D 184 12.73 24.93 21.12
N PHE D 185 11.99 23.94 21.61
CA PHE D 185 11.22 24.07 22.84
C PHE D 185 11.58 22.96 23.81
N PRO D 186 12.69 23.11 24.54
CA PRO D 186 13.09 22.06 25.50
C PRO D 186 12.24 22.05 26.77
N THR D 187 11.46 23.09 27.03
CA THR D 187 10.55 23.17 28.15
C THR D 187 9.18 23.57 27.63
N ILE D 188 8.13 22.92 28.11
CA ILE D 188 6.75 23.24 27.73
C ILE D 188 5.96 23.68 28.96
N PRO D 189 5.94 24.96 29.31
CA PRO D 189 5.27 25.42 30.55
C PRO D 189 3.77 25.62 30.46
N VAL D 190 3.03 24.52 30.16
CA VAL D 190 1.57 24.54 30.15
C VAL D 190 1.01 24.19 31.52
N GLU D 191 -0.20 24.66 31.81
CA GLU D 191 -0.94 24.29 33.01
C GLU D 191 -2.30 23.78 32.54
N LEU D 192 -2.38 22.49 32.24
CA LEU D 192 -3.58 21.93 31.61
C LEU D 192 -4.53 21.42 32.67
N ASN D 193 -5.82 21.69 32.48
CA ASN D 193 -6.86 21.13 33.34
C ASN D 193 -7.94 20.54 32.44
N PHE D 194 -7.96 19.21 32.34
CA PHE D 194 -8.94 18.50 31.53
C PHE D 194 -10.18 18.07 32.31
N ALA D 195 -10.26 18.43 33.59
CA ALA D 195 -11.29 17.83 34.45
C ALA D 195 -12.69 18.14 33.94
N ARG D 196 -12.93 19.36 33.44
CA ARG D 196 -14.28 19.68 32.99
C ARG D 196 -14.72 18.81 31.83
N PHE D 197 -13.77 18.40 30.96
CA PHE D 197 -14.16 17.60 29.80
C PHE D 197 -14.55 16.19 30.20
N PHE D 198 -13.81 15.58 31.13
CA PHE D 198 -14.25 14.31 31.68
C PHE D 198 -15.58 14.47 32.39
N GLU D 199 -15.77 15.59 33.09
CA GLU D 199 -17.02 15.85 33.78
C GLU D 199 -18.20 15.76 32.82
N LEU D 200 -18.14 16.48 31.69
CA LEU D 200 -19.28 16.46 30.77
C LEU D 200 -19.47 15.08 30.17
N ARG D 201 -18.37 14.40 29.86
CA ARG D 201 -18.51 13.11 29.19
C ARG D 201 -19.01 12.03 30.14
N LYS D 202 -18.64 12.14 31.41
CA LYS D 202 -19.18 11.22 32.41
C LYS D 202 -20.67 11.35 32.52
N MET D 203 -21.20 12.58 32.42
CA MET D 203 -22.65 12.73 32.46
C MET D 203 -23.28 11.97 31.30
N LEU D 204 -22.64 12.06 30.13
CA LEU D 204 -23.17 11.44 28.92
C LEU D 204 -23.17 9.93 29.04
N LEU D 205 -22.15 9.37 29.67
CA LEU D 205 -22.06 7.92 29.83
C LEU D 205 -22.91 7.42 30.99
N ASP D 206 -23.08 8.21 32.05
CA ASP D 206 -24.05 7.84 33.08
C ASP D 206 -25.46 7.85 32.51
N LYS D 207 -25.78 8.82 31.63
CA LYS D 207 -27.13 8.95 31.11
C LYS D 207 -27.50 7.78 30.21
N PHE D 208 -26.54 7.31 29.41
CA PHE D 208 -26.78 6.25 28.43
C PHE D 208 -26.02 4.98 28.80
N ALA D 209 -25.96 4.69 30.10
CA ALA D 209 -25.50 3.40 30.52
C ALA D 209 -26.46 2.34 30.00
#